data_3HQ9
#
_entry.id   3HQ9
#
_cell.length_a   50.899
_cell.length_b   55.473
_cell.length_c   68.606
_cell.angle_alpha   104.71
_cell.angle_beta   99.39
_cell.angle_gamma   108.97
#
_symmetry.space_group_name_H-M   'P 1'
#
loop_
_entity.id
_entity.type
_entity.pdbx_description
1 polymer 'Cytochrome c551 peroxidase'
2 non-polymer 'PROTOPORPHYRIN IX CONTAINING FE'
3 non-polymer 'CALCIUM ION'
4 non-polymer IMIDAZOLE
5 non-polymer 'OXALATE ION'
6 non-polymer (R,R)-2,3-BUTANEDIOL
7 water water
#
_entity_poly.entity_id   1
_entity_poly.type   'polypeptide(L)'
_entity_poly.pdbx_seq_one_letter_code
;MKQLSVSLAILCAVATSEAFAADELQQRAQGLFKPVPAKAPTLKGNPASPVKVELGKMLYFDPRLSASHLISCNTCHNVG
LGGGDLQATSTGHGWQKGPRNAPTVLNSVFNTAQFWDGRAKDLAEQAKGPVQAPVEMNNTPDQVVKTLNSIPDYVALFKK
AFPGEKDPVTFDNMAKAIEVFEATLITPDSPFDQYLKGKKKALDGKQTAGLKLFLDKGCVACHGGLNLGGTGYFPFGVVE
KPAENILPLGDKGRFAVTNTAKDEYVFRAPSLRNVAITYPYFHSGVVWSLKEAVAVMGSAQFGIKLSDDESEAIAAFLGS
LTGKQPKVVYPIMPASTDATPRPRL
;
_entity_poly.pdbx_strand_id   A,B
#
loop_
_chem_comp.id
_chem_comp.type
_chem_comp.name
_chem_comp.formula
BU3 non-polymer (R,R)-2,3-BUTANEDIOL 'C4 H10 O2'
CA non-polymer 'CALCIUM ION' 'Ca 2'
HEM non-polymer 'PROTOPORPHYRIN IX CONTAINING FE' 'C34 H32 Fe N4 O4'
IMD non-polymer IMIDAZOLE 'C3 H5 N2 1'
OXL non-polymer 'OXALATE ION' 'C2 O4 -2'
#
# COMPACT_ATOMS: atom_id res chain seq x y z
N ALA A 22 -32.68 -22.67 21.19
CA ALA A 22 -31.23 -22.52 20.89
C ALA A 22 -30.81 -23.44 19.75
N ASP A 23 -31.21 -24.71 19.85
CA ASP A 23 -30.89 -25.72 18.83
C ASP A 23 -31.67 -25.53 17.52
N GLU A 24 -32.90 -25.03 17.62
CA GLU A 24 -33.69 -24.73 16.41
C GLU A 24 -33.09 -23.55 15.66
N LEU A 25 -32.62 -22.55 16.40
CA LEU A 25 -32.00 -21.36 15.79
C LEU A 25 -30.72 -21.73 15.04
N GLN A 26 -29.85 -22.54 15.65
CA GLN A 26 -28.61 -22.94 14.99
C GLN A 26 -28.91 -23.77 13.73
N GLN A 27 -29.92 -24.63 13.79
CA GLN A 27 -30.27 -25.48 12.65
C GLN A 27 -30.79 -24.71 11.45
N ARG A 28 -31.66 -23.73 11.68
CA ARG A 28 -32.19 -22.93 10.58
C ARG A 28 -31.12 -22.01 9.98
N ALA A 29 -30.23 -21.48 10.82
CA ALA A 29 -29.06 -20.73 10.35
C ALA A 29 -28.21 -21.61 9.43
N GLN A 30 -27.94 -22.84 9.87
CA GLN A 30 -27.14 -23.79 9.10
C GLN A 30 -27.71 -24.14 7.72
N GLY A 31 -29.00 -23.89 7.52
CA GLY A 31 -29.64 -24.06 6.21
C GLY A 31 -29.62 -22.83 5.31
N LEU A 32 -29.67 -21.64 5.93
CA LEU A 32 -29.77 -20.39 5.18
C LEU A 32 -28.41 -19.80 4.76
N PHE A 33 -27.36 -20.14 5.51
CA PHE A 33 -26.03 -19.60 5.27
C PHE A 33 -25.03 -20.72 5.10
N LYS A 34 -23.90 -20.41 4.47
CA LYS A 34 -22.76 -21.31 4.39
C LYS A 34 -21.54 -20.56 4.89
N PRO A 35 -20.61 -21.27 5.54
CA PRO A 35 -19.38 -20.60 5.97
C PRO A 35 -18.44 -20.33 4.79
N VAL A 36 -17.58 -19.33 4.95
CA VAL A 36 -16.54 -19.06 3.97
C VAL A 36 -15.60 -20.28 3.91
N PRO A 37 -15.32 -20.76 2.69
CA PRO A 37 -14.40 -21.90 2.60
C PRO A 37 -12.99 -21.56 3.07
N ALA A 38 -12.24 -22.59 3.44
CA ALA A 38 -10.88 -22.42 3.93
C ALA A 38 -9.89 -22.25 2.77
N LYS A 39 -10.25 -22.72 1.59
CA LYS A 39 -9.41 -22.61 0.41
C LYS A 39 -10.00 -21.59 -0.55
N ALA A 40 -9.13 -20.93 -1.30
CA ALA A 40 -9.55 -20.03 -2.37
C ALA A 40 -10.39 -20.80 -3.37
N PRO A 41 -11.57 -20.24 -3.75
CA PRO A 41 -12.40 -20.96 -4.72
C PRO A 41 -11.72 -21.04 -6.08
N THR A 42 -11.99 -22.12 -6.81
CA THR A 42 -11.50 -22.28 -8.17
C THR A 42 -12.28 -21.36 -9.08
N LEU A 43 -11.59 -20.72 -10.02
CA LEU A 43 -12.20 -19.79 -10.95
C LEU A 43 -12.21 -20.43 -12.33
N LYS A 44 -13.39 -20.51 -12.92
CA LYS A 44 -13.58 -21.17 -14.21
C LYS A 44 -12.75 -20.49 -15.32
N GLY A 45 -11.93 -21.30 -16.00
CA GLY A 45 -11.07 -20.81 -17.09
C GLY A 45 -9.87 -20.00 -16.62
N ASN A 46 -9.58 -20.07 -15.32
CA ASN A 46 -8.57 -19.24 -14.71
C ASN A 46 -7.88 -19.97 -13.55
N PRO A 47 -7.06 -21.00 -13.88
CA PRO A 47 -6.44 -21.80 -12.84
C PRO A 47 -5.49 -21.01 -11.95
N ALA A 48 -5.63 -21.18 -10.64
CA ALA A 48 -4.69 -20.60 -9.72
C ALA A 48 -3.44 -21.46 -9.79
N SER A 49 -2.31 -20.79 -10.01
CA SER A 49 -0.99 -21.37 -9.87
C SER A 49 -0.22 -20.44 -8.93
N PRO A 50 0.87 -20.92 -8.32
CA PRO A 50 1.63 -20.03 -7.45
C PRO A 50 2.08 -18.74 -8.14
N VAL A 51 2.62 -18.89 -9.35
CA VAL A 51 3.16 -17.73 -10.07
C VAL A 51 2.05 -16.76 -10.51
N LYS A 52 0.87 -17.30 -10.81
CA LYS A 52 -0.25 -16.44 -11.20
C LYS A 52 -0.77 -15.64 -10.01
N VAL A 53 -0.82 -16.28 -8.84
CA VAL A 53 -1.25 -15.60 -7.61
C VAL A 53 -0.25 -14.49 -7.27
N GLU A 54 1.04 -14.82 -7.32
CA GLU A 54 2.07 -13.83 -7.05
C GLU A 54 1.99 -12.66 -8.03
N LEU A 55 1.83 -12.95 -9.31
CA LEU A 55 1.67 -11.91 -10.33
C LEU A 55 0.45 -11.04 -10.05
N GLY A 56 -0.67 -11.69 -9.77
CA GLY A 56 -1.90 -10.98 -9.42
C GLY A 56 -1.67 -10.05 -8.26
N LYS A 57 -0.94 -10.51 -7.26
CA LYS A 57 -0.63 -9.69 -6.09
C LYS A 57 0.22 -8.47 -6.47
N MET A 58 1.25 -8.69 -7.28
CA MET A 58 2.09 -7.58 -7.74
C MET A 58 1.26 -6.53 -8.45
N LEU A 59 0.37 -6.97 -9.32
CA LEU A 59 -0.48 -6.05 -10.07
C LEU A 59 -1.44 -5.25 -9.17
N TYR A 60 -2.04 -5.95 -8.20
CA TYR A 60 -2.99 -5.37 -7.26
C TYR A 60 -2.36 -4.21 -6.47
N PHE A 61 -1.06 -4.31 -6.18
CA PHE A 61 -0.36 -3.30 -5.41
C PHE A 61 0.44 -2.32 -6.26
N ASP A 62 0.45 -2.48 -7.59
CA ASP A 62 1.31 -1.69 -8.45
C ASP A 62 0.62 -0.42 -8.89
N PRO A 63 1.06 0.73 -8.36
CA PRO A 63 0.37 1.95 -8.72
C PRO A 63 0.63 2.40 -10.17
N ARG A 64 1.52 1.72 -10.89
CA ARG A 64 1.70 1.99 -12.30
C ARG A 64 0.54 1.52 -13.16
N LEU A 65 -0.43 0.81 -12.57
CA LEU A 65 -1.68 0.54 -13.27
C LEU A 65 -2.52 1.83 -13.40
N SER A 66 -2.22 2.85 -12.58
CA SER A 66 -2.83 4.17 -12.70
C SER A 66 -1.95 5.10 -13.51
N ALA A 67 -2.54 6.13 -14.12
CA ALA A 67 -1.78 7.07 -14.95
C ALA A 67 -0.74 7.83 -14.12
N SER A 68 -1.14 8.18 -12.90
CA SER A 68 -0.32 8.97 -12.00
C SER A 68 0.82 8.21 -11.37
N HIS A 69 0.77 6.89 -11.43
CA HIS A 69 1.70 6.01 -10.70
C HIS A 69 1.63 6.22 -9.19
N LEU A 70 0.46 6.67 -8.72
CA LEU A 70 0.24 6.91 -7.30
C LEU A 70 -0.84 6.03 -6.67
N ILE A 71 -1.72 5.45 -7.48
CA ILE A 71 -2.93 4.78 -7.01
C ILE A 71 -2.86 3.32 -7.50
N SER A 72 -3.02 2.39 -6.59
CA SER A 72 -3.15 0.97 -6.91
C SER A 72 -4.54 0.47 -6.48
N CYS A 73 -4.87 -0.77 -6.81
CA CYS A 73 -6.10 -1.36 -6.30
C CYS A 73 -6.15 -1.27 -4.77
N ASN A 74 -4.99 -1.50 -4.14
CA ASN A 74 -4.90 -1.51 -2.69
C ASN A 74 -5.20 -0.15 -2.09
N THR A 75 -4.97 0.92 -2.84
CA THR A 75 -5.27 2.27 -2.35
C THR A 75 -6.70 2.35 -1.89
N CYS A 76 -7.61 1.82 -2.69
CA CYS A 76 -9.05 1.91 -2.37
C CYS A 76 -9.62 0.65 -1.75
N HIS A 77 -8.92 -0.46 -1.90
CA HIS A 77 -9.39 -1.75 -1.40
C HIS A 77 -8.23 -2.29 -0.58
N ASN A 78 -8.02 -1.67 0.57
CA ASN A 78 -6.81 -1.84 1.33
C ASN A 78 -6.85 -3.11 2.18
N VAL A 79 -5.97 -4.05 1.90
CA VAL A 79 -6.06 -5.37 2.51
C VAL A 79 -5.94 -5.29 4.04
N GLY A 80 -5.30 -4.24 4.54
CA GLY A 80 -5.10 -4.06 5.98
C GLY A 80 -6.17 -3.24 6.66
N LEU A 81 -7.12 -2.73 5.90
CA LEU A 81 -8.23 -1.88 6.38
C LEU A 81 -9.55 -2.47 5.92
N GLY A 82 -9.72 -3.77 6.11
CA GLY A 82 -10.98 -4.44 5.87
C GLY A 82 -11.33 -4.49 4.38
N GLY A 83 -10.33 -4.28 3.54
CA GLY A 83 -10.51 -4.35 2.10
C GLY A 83 -11.16 -3.15 1.44
N GLY A 84 -11.28 -2.06 2.21
CA GLY A 84 -11.87 -0.81 1.76
C GLY A 84 -10.90 0.36 1.94
N ASP A 85 -11.45 1.57 2.02
CA ASP A 85 -10.61 2.79 2.01
C ASP A 85 -10.89 3.82 3.12
N LEU A 86 -11.80 3.50 4.02
CA LEU A 86 -12.14 4.34 5.19
C LEU A 86 -12.88 5.62 4.81
N GLN A 87 -13.37 5.71 3.56
CA GLN A 87 -13.97 6.94 3.04
C GLN A 87 -15.46 6.80 2.80
N ALA A 88 -16.15 7.94 2.84
CA ALA A 88 -17.56 7.97 2.44
C ALA A 88 -17.68 7.55 0.98
N THR A 89 -16.98 8.23 0.08
CA THR A 89 -16.81 7.76 -1.28
C THR A 89 -15.33 7.90 -1.62
N SER A 90 -14.87 7.13 -2.59
CA SER A 90 -13.43 7.06 -2.84
C SER A 90 -12.89 8.32 -3.51
N THR A 91 -11.64 8.62 -3.22
CA THR A 91 -10.92 9.71 -3.86
C THR A 91 -9.93 9.06 -4.80
N GLY A 92 -10.04 9.43 -6.08
CA GLY A 92 -9.22 8.84 -7.13
C GLY A 92 -8.28 9.84 -7.73
N HIS A 93 -7.89 9.58 -8.97
CA HIS A 93 -6.97 10.42 -9.68
C HIS A 93 -7.35 11.90 -9.58
N GLY A 94 -6.33 12.74 -9.34
CA GLY A 94 -6.52 14.17 -9.27
C GLY A 94 -7.23 14.62 -8.00
N TRP A 95 -7.24 13.76 -6.98
CA TRP A 95 -7.94 14.09 -5.72
C TRP A 95 -9.42 14.34 -5.96
N GLN A 96 -9.98 13.58 -6.90
CA GLN A 96 -11.36 13.73 -7.30
C GLN A 96 -12.22 12.79 -6.48
N LYS A 97 -13.16 13.38 -5.74
CA LYS A 97 -14.08 12.59 -4.93
C LYS A 97 -15.06 11.92 -5.87
N GLY A 98 -15.18 10.61 -5.75
CA GLY A 98 -16.08 9.84 -6.59
C GLY A 98 -17.48 9.78 -6.01
N PRO A 99 -18.40 9.17 -6.76
CA PRO A 99 -19.79 9.11 -6.38
C PRO A 99 -20.13 7.97 -5.42
N ARG A 100 -19.24 6.97 -5.29
CA ARG A 100 -19.59 5.73 -4.57
C ARG A 100 -18.56 5.28 -3.55
N ASN A 101 -19.07 4.60 -2.53
CA ASN A 101 -18.27 4.00 -1.49
C ASN A 101 -17.54 2.79 -2.07
N ALA A 102 -16.28 2.62 -1.72
CA ALA A 102 -15.55 1.45 -2.18
C ALA A 102 -15.98 0.21 -1.41
N PRO A 103 -16.54 -0.79 -2.10
CA PRO A 103 -16.89 -2.05 -1.45
C PRO A 103 -15.64 -2.84 -1.16
N THR A 104 -15.71 -3.69 -0.16
CA THR A 104 -14.55 -4.47 0.21
C THR A 104 -14.16 -5.49 -0.85
N VAL A 105 -12.86 -5.66 -1.03
CA VAL A 105 -12.33 -6.77 -1.83
C VAL A 105 -12.52 -8.10 -1.12
N LEU A 106 -12.59 -8.07 0.21
CA LEU A 106 -12.65 -9.30 0.99
C LEU A 106 -13.92 -10.07 0.66
N ASN A 107 -13.74 -11.34 0.28
CA ASN A 107 -14.84 -12.22 -0.10
C ASN A 107 -15.60 -11.76 -1.36
N SER A 108 -15.06 -10.78 -2.08
CA SER A 108 -15.73 -10.26 -3.28
C SER A 108 -15.86 -11.35 -4.34
N VAL A 109 -14.96 -12.33 -4.27
CA VAL A 109 -14.98 -13.45 -5.21
C VAL A 109 -16.31 -14.20 -5.22
N PHE A 110 -17.03 -14.19 -4.08
CA PHE A 110 -18.30 -14.95 -3.97
C PHE A 110 -19.51 -14.17 -4.45
N ASN A 111 -19.33 -12.89 -4.77
CA ASN A 111 -20.44 -12.05 -5.18
C ASN A 111 -20.70 -12.19 -6.66
N THR A 112 -21.93 -11.89 -7.06
CA THR A 112 -22.30 -11.83 -8.48
C THR A 112 -22.73 -10.43 -8.92
N ALA A 113 -23.23 -9.63 -7.99
CA ALA A 113 -23.67 -8.27 -8.30
C ALA A 113 -22.47 -7.32 -8.32
N GLN A 114 -22.00 -6.96 -9.52
CA GLN A 114 -20.74 -6.25 -9.70
C GLN A 114 -20.79 -4.74 -9.44
N PHE A 115 -21.99 -4.18 -9.43
CA PHE A 115 -22.18 -2.73 -9.27
C PHE A 115 -23.04 -2.42 -8.03
N TRP A 116 -22.83 -1.24 -7.48
CA TRP A 116 -23.66 -0.73 -6.38
C TRP A 116 -25.09 -0.52 -6.83
N ASP A 117 -25.28 -0.05 -8.06
CA ASP A 117 -26.58 0.46 -8.48
C ASP A 117 -26.60 0.75 -9.95
N GLY A 118 -27.81 0.84 -10.47
CA GLY A 118 -27.98 1.20 -11.87
C GLY A 118 -29.38 0.98 -12.33
N ARG A 119 -29.60 1.27 -13.61
CA ARG A 119 -30.89 1.03 -14.20
C ARG A 119 -31.14 -0.48 -14.26
N ALA A 120 -32.39 -0.87 -13.96
CA ALA A 120 -32.77 -2.27 -13.96
C ALA A 120 -32.51 -2.93 -15.31
N LYS A 121 -32.81 -2.21 -16.39
CA LYS A 121 -32.59 -2.75 -17.72
C LYS A 121 -31.10 -2.95 -18.04
N ASP A 122 -30.24 -2.14 -17.41
CA ASP A 122 -28.79 -2.23 -17.60
C ASP A 122 -28.21 -3.43 -16.82
N LEU A 123 -28.65 -3.58 -15.58
CA LEU A 123 -28.07 -4.58 -14.69
C LEU A 123 -28.66 -5.96 -14.88
N ALA A 124 -29.82 -6.04 -15.53
CA ALA A 124 -30.39 -7.32 -15.93
C ALA A 124 -29.51 -7.95 -16.98
N GLU A 125 -29.31 -9.26 -16.87
CA GLU A 125 -28.56 -10.01 -17.88
C GLU A 125 -27.10 -9.57 -17.98
N GLN A 126 -26.55 -9.07 -16.89
CA GLN A 126 -25.14 -8.76 -16.86
C GLN A 126 -24.35 -10.06 -16.91
N ALA A 127 -23.22 -10.00 -17.61
CA ALA A 127 -22.20 -11.03 -17.59
C ALA A 127 -21.00 -10.50 -16.79
N LYS A 128 -20.27 -11.42 -16.16
CA LYS A 128 -19.11 -11.07 -15.35
C LYS A 128 -17.97 -10.56 -16.24
N GLY A 129 -17.51 -9.34 -15.99
CA GLY A 129 -16.41 -8.76 -16.75
C GLY A 129 -15.24 -8.37 -15.88
N PRO A 130 -14.10 -8.06 -16.51
CA PRO A 130 -12.92 -7.63 -15.76
C PRO A 130 -13.07 -6.28 -15.12
N VAL A 131 -12.31 -6.03 -14.06
CA VAL A 131 -12.26 -4.71 -13.48
C VAL A 131 -11.77 -3.66 -14.50
N GLN A 132 -12.58 -2.64 -14.66
CA GLN A 132 -12.18 -1.43 -15.36
C GLN A 132 -12.38 -0.28 -14.41
N ALA A 133 -11.29 0.42 -14.11
CA ALA A 133 -11.34 1.59 -13.24
C ALA A 133 -10.78 2.85 -13.92
N PRO A 134 -11.33 3.19 -15.10
CA PRO A 134 -10.74 4.34 -15.79
C PRO A 134 -10.88 5.68 -15.11
N VAL A 135 -12.01 5.96 -14.47
CA VAL A 135 -12.17 7.26 -13.81
C VAL A 135 -11.28 7.30 -12.58
N GLU A 136 -11.26 6.20 -11.84
CA GLU A 136 -10.54 6.12 -10.57
C GLU A 136 -9.04 6.22 -10.78
N MET A 137 -8.56 5.48 -11.78
CA MET A 137 -7.11 5.32 -12.02
C MET A 137 -6.57 6.13 -13.20
N ASN A 138 -7.47 6.57 -14.08
CA ASN A 138 -7.17 7.45 -15.23
C ASN A 138 -6.27 6.86 -16.30
N ASN A 139 -6.24 5.53 -16.40
CA ASN A 139 -5.53 4.82 -17.48
C ASN A 139 -6.53 4.07 -18.35
N THR A 140 -6.18 3.96 -19.63
CA THR A 140 -6.93 3.14 -20.57
C THR A 140 -6.36 1.72 -20.54
N PRO A 141 -7.13 0.74 -21.04
CA PRO A 141 -6.57 -0.60 -21.12
C PRO A 141 -5.26 -0.70 -21.90
N ASP A 142 -5.14 0.01 -23.01
CA ASP A 142 -3.88 -0.01 -23.77
C ASP A 142 -2.70 0.59 -23.00
N GLN A 143 -2.95 1.68 -22.26
CA GLN A 143 -1.87 2.29 -21.46
CA GLN A 143 -1.89 2.30 -21.47
C GLN A 143 -1.38 1.30 -20.41
N VAL A 144 -2.30 0.54 -19.82
CA VAL A 144 -1.92 -0.51 -18.87
C VAL A 144 -1.05 -1.58 -19.52
N VAL A 145 -1.49 -2.09 -20.67
CA VAL A 145 -0.74 -3.14 -21.38
C VAL A 145 0.66 -2.65 -21.80
N LYS A 146 0.74 -1.44 -22.32
CA LYS A 146 2.02 -0.79 -22.63
C LYS A 146 2.94 -0.77 -21.40
N THR A 147 2.39 -0.37 -20.27
CA THR A 147 3.19 -0.26 -19.05
C THR A 147 3.73 -1.63 -18.67
N LEU A 148 2.89 -2.65 -18.71
CA LEU A 148 3.31 -4.00 -18.34
C LEU A 148 4.34 -4.55 -19.32
N ASN A 149 4.13 -4.30 -20.60
CA ASN A 149 5.07 -4.76 -21.63
C ASN A 149 6.42 -4.07 -21.58
N SER A 150 6.49 -2.90 -20.95
CA SER A 150 7.75 -2.17 -20.83
C SER A 150 8.68 -2.72 -19.74
N ILE A 151 8.19 -3.66 -18.95
CA ILE A 151 8.96 -4.23 -17.83
C ILE A 151 9.22 -5.73 -18.03
N PRO A 152 10.45 -6.10 -18.42
CA PRO A 152 10.73 -7.51 -18.72
C PRO A 152 10.27 -8.49 -17.67
N ASP A 153 10.38 -8.16 -16.40
CA ASP A 153 9.98 -9.11 -15.36
C ASP A 153 8.48 -9.40 -15.38
N TYR A 154 7.67 -8.40 -15.70
CA TYR A 154 6.24 -8.63 -15.83
C TYR A 154 5.97 -9.51 -17.06
N VAL A 155 6.62 -9.19 -18.18
CA VAL A 155 6.47 -9.99 -19.40
C VAL A 155 6.79 -11.44 -19.09
N ALA A 156 7.90 -11.68 -18.39
CA ALA A 156 8.33 -13.03 -18.04
C ALA A 156 7.35 -13.72 -17.08
N LEU A 157 6.82 -12.98 -16.10
CA LEU A 157 5.86 -13.55 -15.19
C LEU A 157 4.55 -13.93 -15.87
N PHE A 158 4.09 -13.09 -16.80
CA PHE A 158 2.88 -13.38 -17.55
C PHE A 158 3.06 -14.68 -18.35
N LYS A 159 4.25 -14.87 -18.90
CA LYS A 159 4.55 -16.08 -19.68
C LYS A 159 4.49 -17.33 -18.81
N LYS A 160 5.00 -17.23 -17.58
CA LYS A 160 4.92 -18.32 -16.62
C LYS A 160 3.48 -18.58 -16.16
N ALA A 161 2.73 -17.52 -15.88
CA ALA A 161 1.37 -17.66 -15.36
C ALA A 161 0.37 -18.07 -16.44
N PHE A 162 0.64 -17.67 -17.69
CA PHE A 162 -0.24 -17.97 -18.82
C PHE A 162 0.49 -18.71 -19.94
N PRO A 163 0.90 -19.97 -19.65
CA PRO A 163 1.72 -20.76 -20.56
C PRO A 163 1.00 -21.10 -21.86
N GLY A 164 1.76 -21.18 -22.95
CA GLY A 164 1.23 -21.56 -24.25
C GLY A 164 0.52 -20.46 -25.01
N GLU A 165 0.52 -19.25 -24.48
CA GLU A 165 -0.08 -18.11 -25.18
C GLU A 165 1.05 -17.23 -25.74
N LYS A 166 1.02 -16.99 -27.06
CA LYS A 166 2.07 -16.25 -27.78
C LYS A 166 2.43 -14.91 -27.14
N ASP A 167 1.40 -14.15 -26.81
CA ASP A 167 1.55 -12.87 -26.12
C ASP A 167 0.59 -12.86 -24.92
N PRO A 168 1.10 -13.27 -23.74
CA PRO A 168 0.25 -13.42 -22.58
C PRO A 168 -0.06 -12.09 -21.87
N VAL A 169 0.63 -11.02 -22.23
CA VAL A 169 0.42 -9.72 -21.61
C VAL A 169 -0.78 -9.01 -22.25
N THR A 170 -1.97 -9.31 -21.72
CA THR A 170 -3.20 -8.69 -22.16
C THR A 170 -3.96 -8.16 -20.96
N PHE A 171 -4.90 -7.26 -21.23
CA PHE A 171 -5.75 -6.71 -20.16
C PHE A 171 -6.57 -7.82 -19.48
N ASP A 172 -7.05 -8.80 -20.26
CA ASP A 172 -7.81 -9.91 -19.70
C ASP A 172 -6.96 -10.78 -18.79
N ASN A 173 -5.75 -11.09 -19.21
CA ASN A 173 -4.85 -11.89 -18.39
C ASN A 173 -4.46 -11.13 -17.15
N MET A 174 -4.24 -9.83 -17.30
CA MET A 174 -3.97 -8.96 -16.13
C MET A 174 -5.07 -9.12 -15.10
N ALA A 175 -6.31 -8.98 -15.57
CA ALA A 175 -7.50 -9.11 -14.74
C ALA A 175 -7.62 -10.52 -14.16
N LYS A 176 -7.37 -11.55 -14.97
CA LYS A 176 -7.35 -12.92 -14.47
C LYS A 176 -6.33 -13.14 -13.33
N ALA A 177 -5.13 -12.57 -13.46
CA ALA A 177 -4.11 -12.72 -12.44
C ALA A 177 -4.60 -12.02 -11.18
N ILE A 178 -5.08 -10.79 -11.34
CA ILE A 178 -5.60 -10.08 -10.18
C ILE A 178 -6.74 -10.87 -9.52
N GLU A 179 -7.61 -11.46 -10.35
CA GLU A 179 -8.74 -12.22 -9.84
C GLU A 179 -8.35 -13.47 -9.03
N VAL A 180 -7.33 -14.22 -9.46
CA VAL A 180 -6.83 -15.36 -8.68
CA VAL A 180 -6.87 -15.36 -8.66
C VAL A 180 -6.25 -14.90 -7.35
N PHE A 181 -5.57 -13.74 -7.35
CA PHE A 181 -5.09 -13.17 -6.09
C PHE A 181 -6.28 -12.77 -5.22
N GLU A 182 -7.25 -12.09 -5.79
CA GLU A 182 -8.46 -11.71 -5.03
C GLU A 182 -9.21 -12.92 -4.46
N ALA A 183 -9.16 -14.04 -5.17
CA ALA A 183 -9.76 -15.27 -4.68
C ALA A 183 -9.16 -15.75 -3.35
N THR A 184 -7.94 -15.32 -3.05
CA THR A 184 -7.28 -15.68 -1.78
C THR A 184 -7.62 -14.70 -0.66
N LEU A 185 -8.23 -13.56 -1.03
CA LEU A 185 -8.60 -12.53 -0.06
C LEU A 185 -9.99 -12.81 0.48
N ILE A 186 -10.09 -13.94 1.16
CA ILE A 186 -11.31 -14.39 1.79
C ILE A 186 -11.05 -14.50 3.29
N THR A 187 -12.12 -14.50 4.09
CA THR A 187 -11.98 -14.35 5.53
C THR A 187 -12.78 -15.45 6.27
N PRO A 188 -12.21 -16.66 6.32
CA PRO A 188 -12.88 -17.73 7.05
C PRO A 188 -12.83 -17.55 8.56
N ASP A 189 -13.59 -18.37 9.28
CA ASP A 189 -13.51 -18.50 10.74
C ASP A 189 -13.99 -17.29 11.55
N SER A 190 -14.90 -16.49 10.99
CA SER A 190 -15.63 -15.52 11.80
C SER A 190 -16.38 -16.27 12.90
N PRO A 191 -16.67 -15.60 14.02
CA PRO A 191 -17.52 -16.26 15.02
C PRO A 191 -18.83 -16.87 14.47
N PHE A 192 -19.49 -16.19 13.53
CA PHE A 192 -20.70 -16.74 12.93
C PHE A 192 -20.40 -18.04 12.18
N ASP A 193 -19.31 -18.07 11.42
CA ASP A 193 -18.93 -19.27 10.67
C ASP A 193 -18.65 -20.43 11.62
N GLN A 194 -18.01 -20.15 12.74
CA GLN A 194 -17.73 -21.21 13.73
C GLN A 194 -19.03 -21.68 14.40
N TYR A 195 -19.97 -20.77 14.59
CA TYR A 195 -21.32 -21.10 15.02
C TYR A 195 -22.03 -21.98 13.98
N LEU A 196 -21.89 -21.63 12.70
CA LEU A 196 -22.48 -22.44 11.61
C LEU A 196 -21.88 -23.84 11.59
N LYS A 197 -20.58 -23.93 11.90
CA LYS A 197 -19.87 -25.19 11.93
C LYS A 197 -20.18 -26.02 13.18
N GLY A 198 -20.90 -25.45 14.15
CA GLY A 198 -21.40 -26.23 15.29
C GLY A 198 -21.21 -25.65 16.68
N LYS A 199 -20.35 -24.64 16.83
CA LYS A 199 -20.06 -24.06 18.15
C LYS A 199 -21.07 -22.97 18.53
N LYS A 200 -22.13 -23.35 19.26
CA LYS A 200 -23.17 -22.41 19.68
C LYS A 200 -22.63 -21.19 20.44
N LYS A 201 -21.66 -21.43 21.33
CA LYS A 201 -21.11 -20.34 22.16
C LYS A 201 -20.06 -19.49 21.42
N ALA A 202 -19.88 -19.73 20.12
CA ALA A 202 -19.09 -18.81 19.28
C ALA A 202 -19.80 -17.45 19.18
N LEU A 203 -21.12 -17.47 19.26
CA LEU A 203 -21.92 -16.25 19.42
C LEU A 203 -22.26 -16.04 20.89
N ASP A 204 -22.15 -14.82 21.36
CA ASP A 204 -22.61 -14.51 22.71
C ASP A 204 -24.12 -14.30 22.72
N GLY A 205 -24.69 -13.98 23.89
CA GLY A 205 -26.13 -13.81 24.03
C GLY A 205 -26.75 -12.76 23.12
N LYS A 206 -26.13 -11.59 23.05
CA LYS A 206 -26.64 -10.47 22.25
C LYS A 206 -26.58 -10.78 20.75
N GLN A 207 -25.46 -11.37 20.33
CA GLN A 207 -25.25 -11.75 18.92
C GLN A 207 -26.24 -12.83 18.49
N THR A 208 -26.52 -13.75 19.42
CA THR A 208 -27.50 -14.82 19.21
C THR A 208 -28.90 -14.24 19.07
N ALA A 209 -29.26 -13.33 19.98
CA ALA A 209 -30.51 -12.57 19.88
C ALA A 209 -30.60 -11.82 18.55
N GLY A 210 -29.49 -11.22 18.16
CA GLY A 210 -29.39 -10.52 16.88
C GLY A 210 -29.61 -11.41 15.65
N LEU A 211 -29.06 -12.62 15.67
CA LEU A 211 -29.23 -13.58 14.59
C LEU A 211 -30.70 -13.97 14.39
N LYS A 212 -31.39 -14.23 15.50
CA LYS A 212 -32.80 -14.57 15.42
C LYS A 212 -33.62 -13.45 14.80
N LEU A 213 -33.34 -12.22 15.24
CA LEU A 213 -33.94 -11.02 14.66
C LEU A 213 -33.60 -10.89 13.17
N PHE A 214 -32.34 -11.12 12.81
CA PHE A 214 -31.90 -11.05 11.40
C PHE A 214 -32.74 -11.98 10.53
N LEU A 215 -33.04 -13.18 11.03
CA LEU A 215 -33.86 -14.13 10.29
C LEU A 215 -35.35 -13.76 10.34
N ASP A 216 -35.84 -13.50 11.55
CA ASP A 216 -37.27 -13.26 11.78
C ASP A 216 -37.77 -11.98 11.09
N LYS A 217 -36.94 -10.93 11.07
CA LYS A 217 -37.34 -9.66 10.48
C LYS A 217 -37.23 -9.65 8.96
N GLY A 218 -36.60 -10.67 8.38
CA GLY A 218 -36.54 -10.86 6.92
C GLY A 218 -35.29 -10.32 6.26
N CYS A 219 -34.31 -9.92 7.08
CA CYS A 219 -33.04 -9.42 6.54
C CYS A 219 -32.40 -10.40 5.57
N VAL A 220 -32.49 -11.68 5.92
CA VAL A 220 -31.85 -12.76 5.18
C VAL A 220 -32.41 -12.92 3.77
N ALA A 221 -33.58 -12.34 3.51
CA ALA A 221 -34.19 -12.38 2.18
C ALA A 221 -33.28 -11.77 1.12
N CYS A 222 -32.59 -10.71 1.50
CA CYS A 222 -31.69 -10.01 0.58
C CYS A 222 -30.21 -10.16 0.94
N HIS A 223 -29.93 -10.46 2.20
CA HIS A 223 -28.56 -10.61 2.68
C HIS A 223 -28.37 -12.05 3.14
N GLY A 224 -28.52 -12.99 2.21
CA GLY A 224 -28.50 -14.41 2.54
C GLY A 224 -27.41 -15.17 1.82
N GLY A 225 -27.40 -16.48 2.00
CA GLY A 225 -26.45 -17.34 1.32
C GLY A 225 -25.04 -17.23 1.88
N LEU A 226 -24.08 -17.71 1.10
CA LEU A 226 -22.68 -17.83 1.50
C LEU A 226 -22.08 -16.50 1.96
N ASN A 227 -22.42 -15.41 1.26
CA ASN A 227 -21.81 -14.13 1.56
C ASN A 227 -22.74 -13.15 2.29
N LEU A 228 -23.90 -13.64 2.73
CA LEU A 228 -24.93 -12.80 3.34
C LEU A 228 -25.21 -11.54 2.48
N GLY A 229 -25.51 -11.77 1.20
CA GLY A 229 -25.76 -10.71 0.25
C GLY A 229 -24.77 -10.80 -0.90
N GLY A 230 -24.76 -9.77 -1.74
CA GLY A 230 -23.81 -9.70 -2.83
C GLY A 230 -24.28 -10.34 -4.11
N THR A 231 -25.52 -10.81 -4.14
CA THR A 231 -26.02 -11.58 -5.27
C THR A 231 -27.28 -11.02 -5.93
N GLY A 232 -27.93 -10.04 -5.30
CA GLY A 232 -29.20 -9.51 -5.80
C GLY A 232 -29.26 -8.01 -5.85
N TYR A 233 -29.96 -7.51 -6.88
CA TYR A 233 -30.32 -6.10 -7.01
C TYR A 233 -31.80 -5.93 -6.67
N PHE A 234 -32.11 -4.88 -5.91
CA PHE A 234 -33.44 -4.61 -5.42
C PHE A 234 -33.75 -3.12 -5.60
N PRO A 235 -35.02 -2.76 -5.74
CA PRO A 235 -35.39 -1.36 -6.01
C PRO A 235 -35.53 -0.54 -4.74
N PHE A 236 -34.46 -0.55 -3.95
CA PHE A 236 -34.42 0.18 -2.70
C PHE A 236 -33.03 0.72 -2.51
N GLY A 237 -32.93 2.00 -2.20
CA GLY A 237 -31.66 2.66 -1.95
C GLY A 237 -31.80 3.64 -0.80
N VAL A 238 -30.70 3.92 -0.14
CA VAL A 238 -30.71 4.80 1.02
C VAL A 238 -30.44 6.24 0.56
N VAL A 239 -31.32 7.14 0.96
CA VAL A 239 -31.21 8.55 0.57
C VAL A 239 -31.42 9.43 1.81
N GLU A 240 -31.10 10.72 1.71
CA GLU A 240 -31.34 11.64 2.82
C GLU A 240 -32.84 11.91 2.99
N GLY A 253 -31.58 9.40 12.34
CA GLY A 253 -32.62 9.19 11.35
C GLY A 253 -32.62 10.22 10.23
N ARG A 254 -31.43 10.58 9.75
CA ARG A 254 -31.31 11.52 8.63
C ARG A 254 -31.47 10.81 7.28
N PHE A 255 -31.23 9.50 7.28
CA PHE A 255 -31.25 8.74 6.03
C PHE A 255 -32.33 7.68 6.12
N ALA A 256 -32.90 7.33 4.97
CA ALA A 256 -33.96 6.33 4.92
C ALA A 256 -33.96 5.61 3.58
N VAL A 257 -34.54 4.42 3.58
CA VAL A 257 -34.73 3.66 2.35
C VAL A 257 -35.82 4.32 1.52
N THR A 258 -35.57 4.45 0.22
CA THR A 258 -36.60 4.91 -0.74
C THR A 258 -36.83 3.79 -1.75
N ASN A 259 -38.07 3.66 -2.20
CA ASN A 259 -38.43 2.70 -3.22
C ASN A 259 -38.19 3.29 -4.61
N THR A 260 -37.37 2.62 -5.43
CA THR A 260 -36.96 3.13 -6.74
C THR A 260 -37.51 2.35 -7.93
N ALA A 261 -38.49 1.46 -7.69
CA ALA A 261 -39.08 0.68 -8.78
C ALA A 261 -39.73 1.57 -9.83
N LYS A 262 -40.37 2.65 -9.40
CA LYS A 262 -41.03 3.58 -10.33
C LYS A 262 -40.01 4.18 -11.31
N ASP A 263 -38.77 4.30 -10.86
CA ASP A 263 -37.68 4.84 -11.68
C ASP A 263 -36.90 3.76 -12.42
N GLU A 264 -37.37 2.51 -12.33
CA GLU A 264 -36.72 1.38 -12.98
C GLU A 264 -35.24 1.30 -12.64
N TYR A 265 -34.95 1.49 -11.36
CA TYR A 265 -33.59 1.61 -10.87
C TYR A 265 -33.42 0.65 -9.70
N VAL A 266 -32.22 0.09 -9.55
CA VAL A 266 -31.95 -0.89 -8.50
C VAL A 266 -30.60 -0.66 -7.82
N PHE A 267 -30.50 -1.25 -6.64
CA PHE A 267 -29.28 -1.22 -5.82
C PHE A 267 -28.93 -2.64 -5.40
N ARG A 268 -27.64 -2.88 -5.31
CA ARG A 268 -27.10 -4.13 -4.78
C ARG A 268 -27.41 -4.22 -3.29
N ALA A 269 -27.92 -5.36 -2.84
CA ALA A 269 -27.93 -5.72 -1.42
C ALA A 269 -26.55 -6.31 -1.09
N PRO A 270 -25.67 -5.54 -0.44
CA PRO A 270 -24.29 -6.01 -0.29
C PRO A 270 -24.13 -7.23 0.63
N SER A 271 -23.08 -8.00 0.35
CA SER A 271 -22.57 -8.96 1.30
C SER A 271 -22.31 -8.26 2.62
N LEU A 272 -22.79 -8.85 3.72
CA LEU A 272 -22.61 -8.24 5.04
C LEU A 272 -21.39 -8.81 5.77
N ARG A 273 -20.64 -9.71 5.13
CA ARG A 273 -19.43 -10.21 5.74
C ARG A 273 -18.44 -9.07 5.96
N ASN A 274 -17.85 -9.07 7.17
CA ASN A 274 -16.93 -8.02 7.62
C ASN A 274 -17.53 -6.63 7.70
N VAL A 275 -18.85 -6.53 7.72
CA VAL A 275 -19.50 -5.21 7.66
C VAL A 275 -19.08 -4.30 8.82
N ALA A 276 -18.81 -4.88 9.99
CA ALA A 276 -18.37 -4.07 11.13
C ALA A 276 -17.07 -3.31 10.86
N ILE A 277 -16.25 -3.77 9.91
CA ILE A 277 -14.97 -3.12 9.61
C ILE A 277 -14.93 -2.47 8.21
N THR A 278 -16.08 -2.34 7.56
CA THR A 278 -16.13 -1.72 6.23
C THR A 278 -17.02 -0.47 6.20
N TYR A 279 -17.17 0.17 7.34
CA TYR A 279 -17.77 1.48 7.47
C TYR A 279 -17.05 2.48 6.54
N PRO A 280 -17.71 3.58 6.17
CA PRO A 280 -19.14 3.84 6.38
C PRO A 280 -19.98 3.02 5.40
N TYR A 281 -21.30 3.17 5.51
CA TYR A 281 -22.26 2.24 4.92
C TYR A 281 -23.13 2.86 3.87
N PHE A 282 -23.68 1.96 3.04
CA PHE A 282 -24.50 2.23 1.88
C PHE A 282 -23.67 2.76 0.72
N HIS A 283 -24.33 2.87 -0.42
CA HIS A 283 -23.68 3.13 -1.69
C HIS A 283 -22.91 4.46 -1.69
N SER A 284 -23.41 5.43 -0.90
CA SER A 284 -22.87 6.78 -0.77
C SER A 284 -22.04 6.99 0.51
N GLY A 285 -21.87 5.94 1.31
CA GLY A 285 -21.06 6.05 2.54
C GLY A 285 -21.57 7.12 3.50
N VAL A 286 -22.88 7.27 3.56
CA VAL A 286 -23.50 8.36 4.31
C VAL A 286 -23.72 8.05 5.78
N VAL A 287 -23.76 6.77 6.13
CA VAL A 287 -23.97 6.35 7.51
C VAL A 287 -22.72 5.66 8.07
N TRP A 288 -22.17 6.24 9.14
CA TRP A 288 -20.94 5.72 9.74
C TRP A 288 -21.16 4.67 10.83
N SER A 289 -22.29 4.76 11.53
CA SER A 289 -22.60 3.84 12.61
C SER A 289 -23.29 2.58 12.08
N LEU A 290 -22.76 1.41 12.44
CA LEU A 290 -23.39 0.16 12.02
C LEU A 290 -24.80 -0.01 12.60
N LYS A 291 -24.98 0.35 13.87
CA LYS A 291 -26.30 0.35 14.47
C LYS A 291 -27.26 1.25 13.70
N GLU A 292 -26.81 2.42 13.28
CA GLU A 292 -27.67 3.30 12.52
C GLU A 292 -27.99 2.70 11.15
N ALA A 293 -27.01 2.06 10.51
CA ALA A 293 -27.26 1.39 9.23
C ALA A 293 -28.33 0.32 9.38
N VAL A 294 -28.23 -0.45 10.45
CA VAL A 294 -29.25 -1.47 10.75
C VAL A 294 -30.61 -0.81 10.96
N ALA A 295 -30.64 0.31 11.70
CA ALA A 295 -31.90 1.01 11.98
C ALA A 295 -32.56 1.52 10.70
N VAL A 296 -31.74 2.03 9.77
CA VAL A 296 -32.23 2.46 8.46
C VAL A 296 -32.86 1.29 7.70
N MET A 297 -32.23 0.12 7.78
CA MET A 297 -32.74 -1.10 7.17
C MET A 297 -33.98 -1.68 7.83
N GLY A 298 -34.29 -1.24 9.06
CA GLY A 298 -35.59 -1.55 9.67
C GLY A 298 -36.66 -0.67 9.04
N SER A 299 -36.90 -0.87 7.74
CA SER A 299 -37.70 0.08 6.96
C SER A 299 -39.11 -0.43 6.71
N ALA A 300 -40.06 0.50 6.82
CA ALA A 300 -41.45 0.26 6.44
C ALA A 300 -41.55 -0.13 4.97
N GLN A 301 -40.58 0.31 4.17
CA GLN A 301 -40.50 -0.04 2.76
C GLN A 301 -40.41 -1.57 2.59
N PHE A 302 -39.89 -2.26 3.63
CA PHE A 302 -39.80 -3.73 3.67
C PHE A 302 -40.86 -4.39 4.57
N GLY A 303 -41.70 -3.60 5.23
CA GLY A 303 -42.59 -4.14 6.28
C GLY A 303 -41.85 -4.52 7.56
N ILE A 304 -40.65 -3.97 7.74
CA ILE A 304 -39.82 -4.25 8.92
C ILE A 304 -39.88 -3.09 9.91
N LYS A 305 -40.06 -3.42 11.19
CA LYS A 305 -39.96 -2.46 12.27
C LYS A 305 -38.92 -2.98 13.26
N LEU A 306 -38.02 -2.10 13.69
CA LEU A 306 -36.99 -2.43 14.67
C LEU A 306 -36.98 -1.44 15.82
N SER A 307 -37.09 -1.95 17.05
CA SER A 307 -36.79 -1.14 18.21
C SER A 307 -35.30 -0.79 18.23
N ASP A 308 -34.93 0.16 19.06
CA ASP A 308 -33.51 0.51 19.22
C ASP A 308 -32.72 -0.69 19.73
N ASP A 309 -33.27 -1.38 20.73
CA ASP A 309 -32.64 -2.58 21.28
C ASP A 309 -32.48 -3.69 20.24
N GLU A 310 -33.47 -3.82 19.35
CA GLU A 310 -33.41 -4.80 18.26
C GLU A 310 -32.33 -4.45 17.25
N SER A 311 -32.19 -3.16 16.93
CA SER A 311 -31.12 -2.70 16.03
C SER A 311 -29.75 -2.93 16.66
N GLU A 312 -29.62 -2.66 17.95
CA GLU A 312 -28.37 -2.93 18.66
C GLU A 312 -28.05 -4.43 18.65
N ALA A 313 -29.06 -5.27 18.82
CA ALA A 313 -28.87 -6.72 18.82
C ALA A 313 -28.41 -7.21 17.44
N ILE A 314 -29.10 -6.75 16.40
CA ILE A 314 -28.71 -7.11 15.03
C ILE A 314 -27.30 -6.61 14.71
N ALA A 315 -26.96 -5.38 15.09
CA ALA A 315 -25.60 -4.87 14.89
C ALA A 315 -24.56 -5.74 15.60
N ALA A 316 -24.87 -6.18 16.82
CA ALA A 316 -23.98 -7.10 17.51
C ALA A 316 -23.80 -8.38 16.72
N PHE A 317 -24.90 -8.94 16.19
CA PHE A 317 -24.80 -10.10 15.30
C PHE A 317 -23.93 -9.82 14.08
N LEU A 318 -24.13 -8.66 13.46
CA LEU A 318 -23.33 -8.32 12.27
C LEU A 318 -21.83 -8.29 12.59
N GLY A 319 -21.48 -7.90 13.82
CA GLY A 319 -20.08 -7.94 14.26
C GLY A 319 -19.48 -9.34 14.28
N SER A 320 -20.33 -10.36 14.39
CA SER A 320 -19.88 -11.75 14.38
C SER A 320 -19.43 -12.22 13.00
N LEU A 321 -19.66 -11.38 11.98
CA LEU A 321 -19.32 -11.72 10.58
C LEU A 321 -17.91 -11.27 10.18
N THR A 322 -17.16 -10.71 11.12
CA THR A 322 -15.77 -10.34 10.86
C THR A 322 -14.90 -11.58 10.94
N GLY A 323 -14.31 -11.95 9.80
CA GLY A 323 -13.49 -13.15 9.70
C GLY A 323 -12.02 -12.89 9.89
N LYS A 324 -11.21 -13.95 9.75
CA LYS A 324 -9.77 -13.81 9.80
C LYS A 324 -9.28 -13.00 8.60
N GLN A 325 -8.48 -11.97 8.87
CA GLN A 325 -8.03 -11.07 7.83
C GLN A 325 -6.83 -11.67 7.11
N PRO A 326 -6.76 -11.48 5.79
CA PRO A 326 -5.71 -12.16 5.03
C PRO A 326 -4.30 -11.71 5.40
N LYS A 327 -3.38 -12.66 5.45
CA LYS A 327 -1.97 -12.38 5.68
C LYS A 327 -1.25 -12.44 4.35
N VAL A 328 -0.83 -11.26 3.89
CA VAL A 328 -0.28 -11.04 2.56
C VAL A 328 1.16 -10.56 2.69
N VAL A 329 2.11 -11.25 2.09
CA VAL A 329 3.47 -10.73 2.01
C VAL A 329 3.47 -9.62 0.95
N TYR A 330 3.97 -8.44 1.32
CA TYR A 330 3.96 -7.31 0.39
C TYR A 330 4.78 -7.66 -0.87
N PRO A 331 4.19 -7.45 -2.06
CA PRO A 331 4.94 -7.81 -3.26
C PRO A 331 6.09 -6.85 -3.54
N ILE A 332 7.20 -7.41 -4.02
CA ILE A 332 8.32 -6.64 -4.51
C ILE A 332 8.12 -6.51 -6.00
N MET A 333 7.83 -5.30 -6.44
CA MET A 333 7.42 -5.08 -7.81
C MET A 333 8.61 -4.62 -8.65
N PRO A 334 8.67 -5.02 -9.92
CA PRO A 334 9.87 -4.80 -10.72
C PRO A 334 10.07 -3.35 -11.13
N ALA A 335 11.32 -2.98 -11.29
CA ALA A 335 11.68 -1.63 -11.69
C ALA A 335 11.13 -1.30 -13.06
N SER A 336 10.70 -0.05 -13.24
CA SER A 336 10.41 0.48 -14.57
C SER A 336 11.66 0.52 -15.42
N THR A 337 11.47 0.65 -16.73
CA THR A 337 12.58 0.82 -17.64
C THR A 337 12.40 2.11 -18.44
N ASP A 338 13.37 2.43 -19.30
CA ASP A 338 13.27 3.61 -20.17
C ASP A 338 12.03 3.57 -21.06
N ALA A 339 11.49 2.38 -21.33
CA ALA A 339 10.30 2.24 -22.15
C ALA A 339 9.00 2.51 -21.38
N THR A 340 9.07 2.50 -20.05
CA THR A 340 7.89 2.68 -19.20
C THR A 340 7.37 4.12 -19.26
N PRO A 341 6.06 4.28 -19.52
CA PRO A 341 5.44 5.60 -19.49
C PRO A 341 5.74 6.29 -18.17
N ARG A 342 5.97 7.60 -18.23
CA ARG A 342 6.23 8.40 -17.04
C ARG A 342 4.91 8.69 -16.34
N PRO A 343 4.96 9.06 -15.05
CA PRO A 343 3.72 9.45 -14.39
C PRO A 343 3.04 10.62 -15.09
N ARG A 344 1.72 10.54 -15.17
CA ARG A 344 0.87 11.59 -15.71
C ARG A 344 -0.05 12.06 -14.59
N LEU A 345 0.31 13.18 -13.99
CA LEU A 345 -0.39 13.66 -12.79
C LEU A 345 -1.62 14.46 -13.16
N ALA B 21 46.27 -5.91 -9.69
CA ALA B 21 45.36 -4.72 -9.77
C ALA B 21 43.93 -5.06 -9.29
N ALA B 22 43.39 -6.20 -9.71
CA ALA B 22 42.06 -6.61 -9.24
C ALA B 22 42.04 -6.78 -7.71
N ASP B 23 43.11 -7.36 -7.18
CA ASP B 23 43.28 -7.52 -5.74
C ASP B 23 43.42 -6.17 -5.06
N GLU B 24 44.23 -5.30 -5.67
CA GLU B 24 44.43 -3.95 -5.16
C GLU B 24 43.13 -3.19 -5.10
N LEU B 25 42.32 -3.32 -6.16
CA LEU B 25 41.03 -2.60 -6.22
C LEU B 25 40.11 -3.08 -5.12
N GLN B 26 40.01 -4.39 -4.95
CA GLN B 26 39.16 -4.92 -3.90
C GLN B 26 39.61 -4.45 -2.53
N GLN B 27 40.91 -4.47 -2.27
CA GLN B 27 41.40 -4.05 -0.96
C GLN B 27 41.10 -2.56 -0.73
N ARG B 28 41.27 -1.78 -1.80
CA ARG B 28 40.98 -0.34 -1.76
C ARG B 28 39.52 -0.13 -1.39
N ALA B 29 38.63 -0.84 -2.07
CA ALA B 29 37.21 -0.75 -1.75
C ALA B 29 36.91 -1.17 -0.30
N GLN B 30 37.54 -2.25 0.18
CA GLN B 30 37.31 -2.74 1.53
C GLN B 30 37.74 -1.74 2.61
N GLY B 31 38.62 -0.82 2.27
CA GLY B 31 39.03 0.24 3.19
C GLY B 31 38.22 1.51 3.08
N LEU B 32 37.25 1.54 2.17
CA LEU B 32 36.43 2.75 1.96
C LEU B 32 34.94 2.54 2.18
N PHE B 33 34.49 1.29 2.13
CA PHE B 33 33.09 0.98 2.31
C PHE B 33 32.94 -0.16 3.30
N LYS B 34 31.70 -0.35 3.77
CA LYS B 34 31.31 -1.51 4.58
C LYS B 34 29.99 -2.06 4.05
N PRO B 35 29.77 -3.38 4.17
CA PRO B 35 28.53 -3.98 3.75
C PRO B 35 27.37 -3.70 4.71
N VAL B 36 26.15 -3.74 4.20
CA VAL B 36 24.96 -3.66 5.04
C VAL B 36 24.93 -4.88 5.95
N PRO B 37 24.67 -4.66 7.25
CA PRO B 37 24.64 -5.80 8.16
C PRO B 37 23.44 -6.70 7.92
N ALA B 38 23.51 -7.93 8.43
CA ALA B 38 22.43 -8.89 8.23
C ALA B 38 21.20 -8.57 9.06
N LYS B 39 21.39 -7.87 10.18
CA LYS B 39 20.32 -7.61 11.13
C LYS B 39 20.13 -6.11 11.33
N ALA B 40 18.91 -5.71 11.65
CA ALA B 40 18.59 -4.33 11.97
C ALA B 40 19.55 -3.77 13.01
N PRO B 41 20.10 -2.58 12.77
CA PRO B 41 21.01 -1.97 13.74
C PRO B 41 20.25 -1.47 14.95
N THR B 42 20.95 -1.38 16.07
CA THR B 42 20.41 -0.86 17.30
C THR B 42 20.34 0.67 17.24
N LEU B 43 19.20 1.25 17.63
CA LEU B 43 19.00 2.69 17.51
C LEU B 43 19.24 3.43 18.83
N LYS B 44 19.87 4.59 18.73
CA LYS B 44 20.16 5.43 19.90
C LYS B 44 18.88 5.73 20.66
N GLY B 45 18.83 5.28 21.91
CA GLY B 45 17.68 5.51 22.80
C GLY B 45 16.33 5.01 22.30
N ASN B 46 16.33 3.98 21.46
CA ASN B 46 15.09 3.44 20.89
C ASN B 46 15.24 1.95 20.56
N PRO B 47 15.09 1.10 21.59
CA PRO B 47 15.30 -0.35 21.47
C PRO B 47 14.16 -1.11 20.78
N ALA B 48 14.53 -2.17 20.04
CA ALA B 48 13.56 -2.97 19.32
C ALA B 48 13.01 -4.07 20.19
N SER B 49 11.73 -4.37 19.98
CA SER B 49 11.06 -5.56 20.48
C SER B 49 10.08 -5.99 19.39
N PRO B 50 9.69 -7.29 19.38
CA PRO B 50 8.74 -7.74 18.36
C PRO B 50 7.45 -6.92 18.34
N VAL B 51 6.88 -6.62 19.49
CA VAL B 51 5.61 -5.86 19.51
C VAL B 51 5.82 -4.42 19.03
N LYS B 52 6.97 -3.83 19.32
CA LYS B 52 7.24 -2.45 18.86
C LYS B 52 7.43 -2.41 17.36
N VAL B 53 8.12 -3.41 16.81
CA VAL B 53 8.31 -3.50 15.36
C VAL B 53 6.95 -3.66 14.68
N GLU B 54 6.10 -4.53 15.22
CA GLU B 54 4.76 -4.75 14.65
C GLU B 54 3.93 -3.47 14.73
N LEU B 55 3.99 -2.78 15.86
CA LEU B 55 3.30 -1.49 16.00
C LEU B 55 3.82 -0.48 14.98
N GLY B 56 5.14 -0.37 14.87
CA GLY B 56 5.74 0.53 13.91
C GLY B 56 5.33 0.23 12.48
N LYS B 57 5.27 -1.05 12.14
CA LYS B 57 4.79 -1.48 10.82
C LYS B 57 3.33 -1.05 10.59
N MET B 58 2.46 -1.32 11.55
CA MET B 58 1.07 -0.91 11.41
C MET B 58 0.96 0.60 11.17
N LEU B 59 1.69 1.38 11.98
CA LEU B 59 1.66 2.83 11.84
C LEU B 59 2.19 3.30 10.47
N TYR B 60 3.26 2.66 9.99
CA TYR B 60 3.88 3.00 8.72
C TYR B 60 2.91 2.84 7.54
N PHE B 61 2.01 1.87 7.64
CA PHE B 61 1.02 1.61 6.60
C PHE B 61 -0.36 2.22 6.87
N ASP B 62 -0.55 2.91 7.99
CA ASP B 62 -1.86 3.36 8.38
C ASP B 62 -2.12 4.76 7.85
N PRO B 63 -3.03 4.89 6.87
CA PRO B 63 -3.27 6.21 6.31
C PRO B 63 -4.01 7.18 7.25
N ARG B 64 -4.48 6.68 8.39
CA ARG B 64 -5.09 7.58 9.36
C ARG B 64 -4.09 8.50 10.06
N LEU B 65 -2.79 8.30 9.84
CA LEU B 65 -1.80 9.31 10.22
C LEU B 65 -1.93 10.58 9.39
N SER B 66 -2.55 10.48 8.20
CA SER B 66 -2.82 11.66 7.39
C SER B 66 -4.21 12.22 7.65
N ALA B 67 -4.38 13.51 7.37
CA ALA B 67 -5.68 14.16 7.53
C ALA B 67 -6.77 13.52 6.69
N SER B 68 -6.42 13.16 5.45
CA SER B 68 -7.37 12.58 4.48
C SER B 68 -7.76 11.12 4.77
N HIS B 69 -6.93 10.43 5.56
CA HIS B 69 -7.02 8.99 5.74
C HIS B 69 -6.75 8.25 4.42
N LEU B 70 -6.01 8.88 3.52
CA LEU B 70 -5.66 8.28 2.21
C LEU B 70 -4.17 8.01 2.05
N ILE B 71 -3.33 8.68 2.85
CA ILE B 71 -1.88 8.68 2.62
C ILE B 71 -1.19 8.10 3.85
N SER B 72 -0.35 7.10 3.64
CA SER B 72 0.48 6.55 4.68
C SER B 72 1.96 6.77 4.36
N CYS B 73 2.85 6.37 5.26
CA CYS B 73 4.28 6.43 4.96
C CYS B 73 4.59 5.63 3.70
N ASN B 74 3.96 4.49 3.57
CA ASN B 74 4.19 3.60 2.43
C ASN B 74 3.79 4.22 1.11
N THR B 75 2.85 5.16 1.14
CA THR B 75 2.45 5.83 -0.09
C THR B 75 3.64 6.45 -0.78
N CYS B 76 4.48 7.15 -0.02
CA CYS B 76 5.63 7.80 -0.60
C CYS B 76 6.93 7.05 -0.47
N HIS B 77 6.97 6.09 0.45
CA HIS B 77 8.17 5.29 0.69
C HIS B 77 7.75 3.82 0.58
N ASN B 78 7.52 3.38 -0.64
CA ASN B 78 6.78 2.17 -0.88
C ASN B 78 7.74 1.01 -0.83
N VAL B 79 7.52 0.11 0.13
CA VAL B 79 8.43 -0.99 0.36
C VAL B 79 8.56 -1.94 -0.84
N GLY B 80 7.54 -2.00 -1.69
CA GLY B 80 7.58 -2.80 -2.92
C GLY B 80 8.12 -2.12 -4.14
N LEU B 81 8.42 -0.81 -4.04
CA LEU B 81 8.91 0.01 -5.15
C LEU B 81 10.22 0.69 -4.77
N GLY B 82 11.13 -0.11 -4.20
CA GLY B 82 12.44 0.38 -3.85
C GLY B 82 12.47 1.40 -2.72
N GLY B 83 11.38 1.53 -1.98
CA GLY B 83 11.32 2.38 -0.80
C GLY B 83 10.99 3.84 -1.10
N GLY B 84 10.63 4.10 -2.36
CA GLY B 84 10.27 5.44 -2.84
C GLY B 84 8.89 5.45 -3.47
N ASP B 85 8.68 6.42 -4.34
CA ASP B 85 7.35 6.63 -4.91
C ASP B 85 7.23 6.73 -6.43
N LEU B 86 8.35 6.56 -7.14
CA LEU B 86 8.38 6.57 -8.59
C LEU B 86 8.08 7.96 -9.16
N GLN B 87 8.20 8.98 -8.33
CA GLN B 87 7.83 10.34 -8.74
C GLN B 87 9.03 11.28 -8.75
N ALA B 88 8.94 12.32 -9.56
CA ALA B 88 9.95 13.39 -9.56
C ALA B 88 9.99 14.03 -8.17
N THR B 89 8.85 14.60 -7.74
CA THR B 89 8.65 14.95 -6.35
C THR B 89 7.31 14.40 -5.90
N SER B 90 7.15 14.23 -4.61
CA SER B 90 5.99 13.50 -4.10
C SER B 90 4.72 14.29 -4.26
N THR B 91 3.62 13.59 -4.46
CA THR B 91 2.29 14.20 -4.44
C THR B 91 1.63 13.86 -3.13
N GLY B 92 1.06 14.88 -2.50
CA GLY B 92 0.44 14.72 -1.19
C GLY B 92 -1.01 15.16 -1.16
N HIS B 93 -1.42 15.60 0.02
CA HIS B 93 -2.78 16.03 0.25
C HIS B 93 -3.24 17.02 -0.83
N GLY B 94 -4.44 16.79 -1.36
CA GLY B 94 -5.04 17.69 -2.32
C GLY B 94 -4.47 17.58 -3.73
N TRP B 95 -3.66 16.53 -3.97
CA TRP B 95 -2.90 16.39 -5.21
C TRP B 95 -1.78 17.44 -5.35
N GLN B 96 -1.40 18.05 -4.24
CA GLN B 96 -0.31 19.02 -4.20
C GLN B 96 1.01 18.35 -4.50
N LYS B 97 1.71 18.85 -5.51
CA LYS B 97 3.05 18.41 -5.78
C LYS B 97 4.02 19.06 -4.80
N GLY B 98 4.85 18.25 -4.19
CA GLY B 98 5.83 18.72 -3.20
C GLY B 98 7.11 19.20 -3.85
N PRO B 99 7.99 19.81 -3.05
CA PRO B 99 9.23 20.37 -3.54
C PRO B 99 10.36 19.36 -3.77
N ARG B 100 10.25 18.16 -3.21
CA ARG B 100 11.38 17.26 -3.12
C ARG B 100 11.02 15.83 -3.48
N ASN B 101 12.02 15.14 -4.02
CA ASN B 101 11.96 13.72 -4.32
C ASN B 101 11.95 12.93 -3.01
N ALA B 102 11.07 11.93 -2.90
CA ALA B 102 11.05 11.11 -1.69
C ALA B 102 12.25 10.17 -1.68
N PRO B 103 13.14 10.32 -0.70
CA PRO B 103 14.28 9.41 -0.58
C PRO B 103 13.78 8.07 -0.13
N THR B 104 14.53 7.04 -0.48
CA THR B 104 14.15 5.70 -0.08
C THR B 104 14.19 5.46 1.44
N VAL B 105 13.21 4.70 1.92
CA VAL B 105 13.27 4.26 3.30
C VAL B 105 14.36 3.17 3.46
N LEU B 106 14.67 2.47 2.36
CA LEU B 106 15.62 1.35 2.43
C LEU B 106 16.99 1.84 2.89
N ASN B 107 17.52 1.21 3.96
CA ASN B 107 18.81 1.59 4.53
C ASN B 107 18.86 3.01 5.11
N SER B 108 17.72 3.67 5.21
CA SER B 108 17.67 5.05 5.73
C SER B 108 18.18 5.12 7.16
N VAL B 109 18.05 4.01 7.89
CA VAL B 109 18.51 3.92 9.29
C VAL B 109 20.02 4.24 9.43
N PHE B 110 20.81 4.00 8.38
CA PHE B 110 22.26 4.25 8.45
C PHE B 110 22.66 5.67 8.10
N ASN B 111 21.72 6.49 7.64
CA ASN B 111 22.01 7.86 7.26
C ASN B 111 22.03 8.76 8.48
N THR B 112 22.84 9.79 8.42
CA THR B 112 22.88 10.82 9.47
C THR B 112 22.50 12.20 8.94
N ALA B 113 22.50 12.38 7.63
CA ALA B 113 22.04 13.62 7.03
C ALA B 113 20.53 13.53 6.80
N GLN B 114 19.77 14.17 7.69
CA GLN B 114 18.32 13.97 7.79
C GLN B 114 17.51 14.60 6.65
N PHE B 115 18.02 15.67 6.03
CA PHE B 115 17.27 16.46 5.07
C PHE B 115 18.02 16.52 3.76
N TRP B 116 17.28 16.68 2.67
CA TRP B 116 17.87 16.86 1.36
C TRP B 116 18.81 18.06 1.32
N ASP B 117 18.39 19.16 1.94
CA ASP B 117 19.08 20.42 1.74
C ASP B 117 18.60 21.47 2.71
N GLY B 118 19.40 22.50 2.88
CA GLY B 118 19.01 23.60 3.74
C GLY B 118 20.18 24.52 3.99
N ARG B 119 19.97 25.52 4.82
CA ARG B 119 21.06 26.41 5.17
C ARG B 119 21.97 25.73 6.17
N ALA B 120 23.27 25.82 5.92
CA ALA B 120 24.31 25.12 6.66
C ALA B 120 24.26 25.39 8.17
N LYS B 121 23.79 26.58 8.57
CA LYS B 121 23.62 26.93 9.98
C LYS B 121 22.26 26.45 10.53
N ASP B 122 21.22 26.55 9.71
CA ASP B 122 19.86 26.13 10.11
C ASP B 122 19.76 24.63 10.35
N LEU B 123 20.52 23.83 9.59
CA LEU B 123 20.37 22.38 9.59
C LEU B 123 20.73 21.76 10.94
N GLN B 132 8.48 16.19 14.24
CA GLN B 132 7.45 16.87 13.45
C GLN B 132 6.68 15.90 12.54
N ALA B 133 5.39 16.19 12.34
CA ALA B 133 4.55 15.38 11.44
C ALA B 133 4.76 15.85 10.01
N PRO B 134 4.72 14.92 9.03
CA PRO B 134 4.86 15.37 7.64
C PRO B 134 3.81 16.38 7.21
N VAL B 135 4.25 17.52 6.68
CA VAL B 135 3.33 18.55 6.19
C VAL B 135 2.43 18.00 5.07
N GLU B 136 2.95 17.09 4.25
CA GLU B 136 2.22 16.58 3.09
C GLU B 136 1.04 15.69 3.47
N MET B 137 1.05 15.23 4.73
CA MET B 137 -0.02 14.42 5.30
C MET B 137 -1.07 15.29 5.99
N ASN B 138 -0.72 16.55 6.25
CA ASN B 138 -1.70 17.58 6.63
C ASN B 138 -2.32 17.41 8.02
N ASN B 139 -1.65 16.66 8.91
CA ASN B 139 -2.10 16.44 10.29
C ASN B 139 -1.08 16.99 11.31
N THR B 140 -1.58 17.63 12.37
CA THR B 140 -0.71 18.02 13.48
C THR B 140 -0.41 16.82 14.38
N PRO B 141 0.70 16.89 15.14
CA PRO B 141 0.98 15.81 16.10
C PRO B 141 -0.18 15.54 17.06
N ASP B 142 -0.84 16.58 17.56
CA ASP B 142 -1.96 16.36 18.46
C ASP B 142 -3.13 15.66 17.77
N GLN B 143 -3.33 15.93 16.48
CA GLN B 143 -4.41 15.28 15.74
C GLN B 143 -4.09 13.80 15.56
N VAL B 144 -2.82 13.51 15.31
CA VAL B 144 -2.39 12.12 15.15
C VAL B 144 -2.59 11.37 16.47
N VAL B 145 -2.15 11.98 17.57
CA VAL B 145 -2.30 11.36 18.88
C VAL B 145 -3.78 11.13 19.24
N LYS B 146 -4.62 12.10 18.93
CA LYS B 146 -6.07 11.95 19.09
C LYS B 146 -6.59 10.73 18.33
N THR B 147 -6.12 10.56 17.10
CA THR B 147 -6.55 9.45 16.28
C THR B 147 -6.11 8.11 16.86
N LEU B 148 -4.86 8.03 17.30
CA LEU B 148 -4.35 6.80 17.92
C LEU B 148 -5.12 6.47 19.19
N ASN B 149 -5.40 7.50 19.99
CA ASN B 149 -6.10 7.29 21.25
C ASN B 149 -7.54 6.82 21.07
N SER B 150 -8.11 7.07 19.89
CA SER B 150 -9.49 6.70 19.60
C SER B 150 -9.65 5.21 19.26
N ILE B 151 -8.55 4.50 19.10
CA ILE B 151 -8.55 3.10 18.68
C ILE B 151 -7.94 2.25 19.80
N PRO B 152 -8.78 1.54 20.59
CA PRO B 152 -8.24 0.79 21.72
C PRO B 152 -7.09 -0.17 21.41
N ASP B 153 -7.11 -0.83 20.26
CA ASP B 153 -6.02 -1.76 19.93
C ASP B 153 -4.69 -1.02 19.84
N TYR B 154 -4.67 0.20 19.29
CA TYR B 154 -3.43 0.95 19.24
C TYR B 154 -2.99 1.32 20.65
N VAL B 155 -3.93 1.77 21.47
CA VAL B 155 -3.59 2.14 22.86
C VAL B 155 -2.96 0.93 23.57
N ALA B 156 -3.58 -0.24 23.41
CA ALA B 156 -3.05 -1.49 23.98
C ALA B 156 -1.66 -1.86 23.47
N LEU B 157 -1.44 -1.70 22.16
CA LEU B 157 -0.12 -1.95 21.60
C LEU B 157 0.93 -0.98 22.12
N PHE B 158 0.55 0.29 22.29
CA PHE B 158 1.47 1.28 22.81
C PHE B 158 1.86 0.91 24.24
N LYS B 159 0.90 0.38 25.01
CA LYS B 159 1.17 -0.04 26.39
C LYS B 159 2.12 -1.24 26.44
N LYS B 160 2.05 -2.11 25.44
CA LYS B 160 2.96 -3.25 25.38
C LYS B 160 4.35 -2.87 24.85
N ALA B 161 4.39 -1.95 23.88
CA ALA B 161 5.63 -1.56 23.22
C ALA B 161 6.48 -0.57 24.04
N PHE B 162 5.81 0.21 24.88
CA PHE B 162 6.41 1.23 25.75
C PHE B 162 5.86 1.03 27.15
N PRO B 163 6.18 -0.12 27.76
CA PRO B 163 5.61 -0.49 29.04
C PRO B 163 6.09 0.41 30.18
N GLY B 164 5.35 0.45 31.27
CA GLY B 164 5.74 1.23 32.44
C GLY B 164 5.73 2.72 32.19
N GLU B 165 4.91 3.17 31.25
CA GLU B 165 4.73 4.59 30.99
C GLU B 165 3.25 4.87 31.18
N LYS B 166 2.95 5.87 31.99
CA LYS B 166 1.58 6.21 32.32
C LYS B 166 0.72 6.36 31.05
N ASP B 167 1.15 7.24 30.15
CA ASP B 167 0.48 7.40 28.86
C ASP B 167 1.53 7.25 27.77
N PRO B 168 1.61 6.04 27.18
CA PRO B 168 2.61 5.78 26.16
C PRO B 168 2.23 6.31 24.78
N VAL B 169 1.01 6.82 24.61
CA VAL B 169 0.55 7.28 23.27
C VAL B 169 0.94 8.73 23.08
N THR B 170 2.18 8.90 22.66
CA THR B 170 2.73 10.21 22.37
C THR B 170 3.25 10.18 20.95
N PHE B 171 3.35 11.36 20.36
CA PHE B 171 3.88 11.48 19.01
C PHE B 171 5.33 10.98 18.96
N ASP B 172 6.12 11.26 20.00
CA ASP B 172 7.49 10.83 19.99
C ASP B 172 7.62 9.30 20.06
N ASN B 173 6.77 8.66 20.86
CA ASN B 173 6.77 7.20 20.93
C ASN B 173 6.27 6.61 19.61
N MET B 174 5.26 7.23 19.00
CA MET B 174 4.83 6.80 17.66
C MET B 174 6.01 6.78 16.71
N ALA B 175 6.76 7.88 16.67
CA ALA B 175 7.92 8.01 15.81
C ALA B 175 8.95 6.91 16.14
N LYS B 176 9.16 6.66 17.42
CA LYS B 176 10.11 5.62 17.84
C LYS B 176 9.69 4.23 17.34
N ALA B 177 8.41 3.92 17.42
CA ALA B 177 7.91 2.65 16.94
C ALA B 177 8.13 2.52 15.43
N ILE B 178 7.78 3.56 14.69
CA ILE B 178 8.01 3.56 13.24
C ILE B 178 9.50 3.36 12.94
N GLU B 179 10.35 4.01 13.71
CA GLU B 179 11.79 3.98 13.44
C GLU B 179 12.35 2.59 13.67
N VAL B 180 11.87 1.86 14.67
CA VAL B 180 12.34 0.47 14.85
C VAL B 180 11.89 -0.43 13.70
N PHE B 181 10.71 -0.18 13.15
CA PHE B 181 10.28 -0.90 11.94
C PHE B 181 11.17 -0.51 10.76
N GLU B 182 11.41 0.78 10.60
CA GLU B 182 12.30 1.24 9.50
C GLU B 182 13.70 0.64 9.59
N ALA B 183 14.17 0.40 10.80
CA ALA B 183 15.49 -0.19 11.02
C ALA B 183 15.59 -1.59 10.42
N THR B 184 14.44 -2.25 10.24
CA THR B 184 14.39 -3.58 9.60
C THR B 184 14.38 -3.51 8.07
N LEU B 185 14.15 -2.33 7.51
CA LEU B 185 14.05 -2.15 6.06
C LEU B 185 15.43 -1.84 5.48
N ILE B 186 16.28 -2.84 5.58
CA ILE B 186 17.68 -2.76 5.12
C ILE B 186 17.81 -3.83 4.05
N THR B 187 18.82 -3.68 3.20
CA THR B 187 18.95 -4.53 2.02
C THR B 187 20.35 -5.14 1.92
N PRO B 188 20.59 -6.20 2.70
CA PRO B 188 21.90 -6.84 2.63
C PRO B 188 22.10 -7.61 1.34
N ASP B 189 23.32 -8.07 1.16
CA ASP B 189 23.66 -9.08 0.14
C ASP B 189 23.56 -8.60 -1.30
N SER B 190 23.67 -7.29 -1.54
CA SER B 190 23.89 -6.80 -2.90
C SER B 190 25.17 -7.43 -3.48
N PRO B 191 25.27 -7.47 -4.81
CA PRO B 191 26.53 -7.93 -5.39
C PRO B 191 27.75 -7.16 -4.87
N PHE B 192 27.65 -5.85 -4.72
CA PHE B 192 28.79 -5.12 -4.20
C PHE B 192 29.11 -5.55 -2.77
N ASP B 193 28.12 -5.82 -1.94
CA ASP B 193 28.42 -6.31 -0.59
C ASP B 193 29.11 -7.67 -0.62
N GLN B 194 28.70 -8.53 -1.52
CA GLN B 194 29.35 -9.83 -1.63
CA GLN B 194 29.34 -9.84 -1.69
C GLN B 194 30.79 -9.66 -2.11
N TYR B 195 31.03 -8.66 -2.96
CA TYR B 195 32.39 -8.28 -3.37
C TYR B 195 33.21 -7.80 -2.17
N LEU B 196 32.65 -6.90 -1.37
CA LEU B 196 33.34 -6.42 -0.19
C LEU B 196 33.70 -7.54 0.79
N LYS B 197 32.82 -8.54 0.85
CA LYS B 197 32.98 -9.66 1.76
C LYS B 197 33.97 -10.67 1.22
N GLY B 198 34.41 -10.49 -0.02
CA GLY B 198 35.52 -11.32 -0.55
C GLY B 198 35.40 -11.77 -1.99
N LYS B 199 34.20 -11.78 -2.57
CA LYS B 199 34.01 -12.38 -3.90
C LYS B 199 34.26 -11.40 -5.04
N LYS B 200 35.46 -11.40 -5.59
CA LYS B 200 35.78 -10.48 -6.69
C LYS B 200 34.79 -10.56 -7.83
N LYS B 201 34.35 -11.75 -8.17
CA LYS B 201 33.48 -11.95 -9.32
C LYS B 201 32.02 -11.65 -9.04
N ALA B 202 31.72 -11.18 -7.83
CA ALA B 202 30.37 -10.63 -7.57
C ALA B 202 30.09 -9.45 -8.48
N LEU B 203 31.15 -8.74 -8.88
CA LEU B 203 31.06 -7.69 -9.89
C LEU B 203 31.58 -8.20 -11.22
N ASP B 204 30.84 -7.96 -12.30
CA ASP B 204 31.31 -8.30 -13.64
C ASP B 204 32.37 -7.30 -14.12
N GLY B 205 32.88 -7.48 -15.34
CA GLY B 205 33.99 -6.67 -15.82
C GLY B 205 33.67 -5.17 -15.89
N LYS B 206 32.48 -4.87 -16.39
CA LYS B 206 32.06 -3.49 -16.55
C LYS B 206 31.86 -2.82 -15.20
N GLN B 207 31.22 -3.54 -14.30
CA GLN B 207 30.97 -3.03 -12.94
C GLN B 207 32.29 -2.81 -12.22
N THR B 208 33.26 -3.71 -12.45
CA THR B 208 34.54 -3.57 -11.81
C THR B 208 35.28 -2.34 -12.34
N ALA B 209 35.19 -2.10 -13.64
CA ALA B 209 35.77 -0.89 -14.25
C ALA B 209 35.07 0.34 -13.68
N GLY B 210 33.77 0.22 -13.46
CA GLY B 210 32.96 1.32 -12.89
C GLY B 210 33.37 1.63 -11.47
N LEU B 211 33.65 0.60 -10.69
CA LEU B 211 34.12 0.80 -9.33
C LEU B 211 35.45 1.52 -9.32
N LYS B 212 36.39 1.11 -10.18
CA LYS B 212 37.67 1.77 -10.25
C LYS B 212 37.49 3.27 -10.54
N LEU B 213 36.63 3.57 -11.50
CA LEU B 213 36.32 4.97 -11.83
C LEU B 213 35.67 5.70 -10.66
N PHE B 214 34.75 5.04 -9.98
CA PHE B 214 34.05 5.64 -8.82
C PHE B 214 35.06 6.09 -7.76
N LEU B 215 36.11 5.28 -7.55
CA LEU B 215 37.16 5.63 -6.60
C LEU B 215 38.12 6.68 -7.17
N ASP B 216 38.62 6.44 -8.38
CA ASP B 216 39.65 7.28 -9.00
C ASP B 216 39.14 8.70 -9.29
N LYS B 217 37.86 8.80 -9.62
CA LYS B 217 37.26 10.09 -9.94
C LYS B 217 36.83 10.86 -8.69
N GLY B 218 36.88 10.22 -7.52
CA GLY B 218 36.61 10.90 -6.28
C GLY B 218 35.16 10.87 -5.82
N CYS B 219 34.33 10.09 -6.52
CA CYS B 219 32.92 9.95 -6.11
C CYS B 219 32.81 9.50 -4.64
N VAL B 220 33.72 8.61 -4.26
CA VAL B 220 33.72 8.03 -2.95
C VAL B 220 33.95 9.05 -1.82
N ALA B 221 34.50 10.22 -2.14
CA ALA B 221 34.70 11.27 -1.13
C ALA B 221 33.39 11.65 -0.48
N CYS B 222 32.33 11.71 -1.28
CA CYS B 222 31.02 12.15 -0.81
C CYS B 222 30.02 11.02 -0.69
N HIS B 223 30.29 9.90 -1.37
CA HIS B 223 29.38 8.77 -1.43
C HIS B 223 30.13 7.53 -0.97
N GLY B 224 30.65 7.59 0.25
CA GLY B 224 31.46 6.52 0.78
C GLY B 224 30.88 5.90 2.03
N GLY B 225 31.67 5.01 2.62
CA GLY B 225 31.27 4.35 3.84
C GLY B 225 30.21 3.29 3.68
N LEU B 226 29.57 3.00 4.80
CA LEU B 226 28.58 1.94 4.89
CA LEU B 226 28.58 1.92 4.87
C LEU B 226 27.43 2.10 3.89
N ASN B 227 26.94 3.33 3.73
CA ASN B 227 25.78 3.56 2.90
C ASN B 227 26.12 4.24 1.57
N LEU B 228 27.41 4.36 1.26
CA LEU B 228 27.86 5.04 0.04
C LEU B 228 27.18 6.42 -0.06
N GLY B 229 27.35 7.16 1.01
CA GLY B 229 26.70 8.49 1.13
C GLY B 229 25.74 8.50 2.31
N GLY B 230 24.96 9.58 2.38
CA GLY B 230 23.95 9.74 3.41
C GLY B 230 24.43 10.37 4.69
N THR B 231 25.69 10.83 4.72
CA THR B 231 26.28 11.30 5.97
C THR B 231 26.82 12.72 5.93
N GLY B 232 26.94 13.29 4.73
CA GLY B 232 27.59 14.57 4.57
C GLY B 232 26.75 15.55 3.77
N TYR B 233 26.90 16.82 4.13
CA TYR B 233 26.31 17.93 3.41
C TYR B 233 27.41 18.70 2.68
N PHE B 234 27.13 19.06 1.45
CA PHE B 234 28.11 19.71 0.58
C PHE B 234 27.43 20.84 -0.18
N PRO B 235 28.17 21.92 -0.47
CA PRO B 235 27.57 23.11 -1.11
C PRO B 235 27.44 22.96 -2.64
N PHE B 236 26.75 21.91 -3.06
CA PHE B 236 26.58 21.56 -4.46
C PHE B 236 25.21 20.95 -4.64
N GLY B 237 24.45 21.47 -5.59
CA GLY B 237 23.15 20.95 -5.94
C GLY B 237 22.95 20.95 -7.44
N VAL B 238 22.06 20.09 -7.91
CA VAL B 238 21.79 19.99 -9.33
C VAL B 238 20.66 20.94 -9.72
N VAL B 239 20.89 21.70 -10.78
CA VAL B 239 19.93 22.71 -11.26
C VAL B 239 19.84 22.62 -12.78
N GLU B 240 18.74 23.08 -13.34
CA GLU B 240 18.63 23.18 -14.79
C GLU B 240 19.48 24.36 -15.22
N LYS B 241 20.28 24.19 -16.27
CA LYS B 241 21.03 25.30 -16.85
C LYS B 241 20.34 25.79 -18.10
N GLY B 253 22.65 16.49 -21.33
CA GLY B 253 23.42 17.45 -20.53
C GLY B 253 22.63 18.71 -20.25
N ARG B 254 21.37 18.52 -19.86
CA ARG B 254 20.43 19.61 -19.61
C ARG B 254 20.50 20.15 -18.17
N PHE B 255 21.04 19.32 -17.27
CA PHE B 255 21.15 19.67 -15.86
C PHE B 255 22.61 19.69 -15.48
N ALA B 256 22.95 20.44 -14.42
CA ALA B 256 24.33 20.53 -14.00
C ALA B 256 24.45 20.85 -12.52
N VAL B 257 25.63 20.56 -11.95
CA VAL B 257 25.92 20.89 -10.57
C VAL B 257 26.28 22.37 -10.47
N THR B 258 25.68 23.04 -9.49
CA THR B 258 26.04 24.41 -9.17
C THR B 258 26.61 24.50 -7.76
N ASN B 259 27.48 25.48 -7.57
CA ASN B 259 28.14 25.73 -6.28
CA ASN B 259 28.13 25.72 -6.30
C ASN B 259 27.33 26.70 -5.45
N THR B 260 26.90 26.26 -4.28
CA THR B 260 26.02 27.04 -3.43
C THR B 260 26.65 27.56 -2.13
N ALA B 261 27.98 27.50 -2.01
CA ALA B 261 28.64 27.94 -0.77
C ALA B 261 28.43 29.43 -0.50
N LYS B 262 28.40 30.22 -1.55
CA LYS B 262 28.17 31.66 -1.41
C LYS B 262 26.81 31.95 -0.74
N ASP B 263 25.86 31.06 -1.01
CA ASP B 263 24.51 31.11 -0.45
C ASP B 263 24.41 30.47 0.94
N GLU B 264 25.54 29.95 1.44
CA GLU B 264 25.58 29.25 2.72
C GLU B 264 24.55 28.13 2.78
N TYR B 265 24.45 27.41 1.66
CA TYR B 265 23.41 26.43 1.45
C TYR B 265 24.07 25.12 1.11
N VAL B 266 23.49 24.03 1.55
CA VAL B 266 24.06 22.72 1.30
C VAL B 266 23.00 21.68 0.94
N PHE B 267 23.48 20.61 0.34
CA PHE B 267 22.68 19.46 -0.04
C PHE B 267 23.37 18.21 0.47
N ARG B 268 22.57 17.25 0.90
CA ARG B 268 23.04 15.91 1.26
C ARG B 268 23.59 15.23 0.03
N ALA B 269 24.76 14.58 0.15
CA ALA B 269 25.17 13.59 -0.85
C ALA B 269 24.48 12.27 -0.47
N PRO B 270 23.47 11.84 -1.27
CA PRO B 270 22.66 10.71 -0.81
C PRO B 270 23.43 9.42 -0.79
N SER B 271 22.97 8.52 0.08
CA SER B 271 23.33 7.12 -0.03
C SER B 271 22.99 6.62 -1.43
N LEU B 272 23.94 5.94 -2.06
CA LEU B 272 23.70 5.38 -3.40
C LEU B 272 23.25 3.91 -3.38
N ARG B 273 23.02 3.36 -2.20
CA ARG B 273 22.47 2.00 -2.13
C ARG B 273 21.10 1.97 -2.79
N ASN B 274 20.88 0.95 -3.61
CA ASN B 274 19.66 0.75 -4.36
C ASN B 274 19.35 1.87 -5.35
N VAL B 275 20.34 2.70 -5.68
CA VAL B 275 20.10 3.83 -6.56
C VAL B 275 19.49 3.41 -7.90
N ALA B 276 19.83 2.21 -8.40
CA ALA B 276 19.27 1.79 -9.67
C ALA B 276 17.75 1.63 -9.66
N ILE B 277 17.16 1.47 -8.47
CA ILE B 277 15.73 1.30 -8.36
C ILE B 277 15.06 2.44 -7.61
N THR B 278 15.76 3.56 -7.43
CA THR B 278 15.15 4.72 -6.74
C THR B 278 15.10 5.96 -7.63
N TYR B 279 15.10 5.76 -8.94
CA TYR B 279 14.82 6.79 -9.93
C TYR B 279 13.49 7.52 -9.60
N PRO B 280 13.34 8.76 -10.06
CA PRO B 280 14.35 9.62 -10.63
C PRO B 280 15.28 10.18 -9.56
N TYR B 281 16.24 10.99 -10.01
CA TYR B 281 17.41 11.33 -9.22
C TYR B 281 17.54 12.82 -8.91
N PHE B 282 18.32 13.07 -7.85
CA PHE B 282 18.56 14.38 -7.28
C PHE B 282 17.37 14.86 -6.47
N HIS B 283 17.58 15.95 -5.76
CA HIS B 283 16.62 16.45 -4.78
C HIS B 283 15.27 16.79 -5.39
N SER B 284 15.30 17.14 -6.66
CA SER B 284 14.17 17.55 -7.44
C SER B 284 13.61 16.49 -8.38
N GLY B 285 14.25 15.31 -8.42
CA GLY B 285 13.80 14.22 -9.29
C GLY B 285 13.83 14.58 -10.77
N VAL B 286 14.78 15.42 -11.17
CA VAL B 286 14.81 15.97 -12.52
C VAL B 286 15.44 15.07 -13.58
N VAL B 287 16.23 14.09 -13.14
CA VAL B 287 16.93 13.20 -14.04
C VAL B 287 16.48 11.76 -13.80
N TRP B 288 15.94 11.12 -14.84
CA TRP B 288 15.39 9.76 -14.73
C TRP B 288 16.39 8.66 -15.05
N SER B 289 17.35 8.96 -15.91
CA SER B 289 18.39 8.00 -16.30
C SER B 289 19.52 8.01 -15.30
N LEU B 290 19.86 6.83 -14.77
CA LEU B 290 21.00 6.72 -13.88
C LEU B 290 22.32 7.12 -14.56
N LYS B 291 22.50 6.72 -15.82
CA LYS B 291 23.68 7.11 -16.55
C LYS B 291 23.77 8.62 -16.68
N GLU B 292 22.63 9.26 -16.92
CA GLU B 292 22.59 10.73 -17.01
C GLU B 292 22.93 11.36 -15.66
N ALA B 293 22.43 10.77 -14.57
CA ALA B 293 22.73 11.27 -13.25
C ALA B 293 24.22 11.19 -12.95
N VAL B 294 24.83 10.06 -13.31
CA VAL B 294 26.27 9.92 -13.20
C VAL B 294 27.00 10.98 -14.02
N ALA B 295 26.55 11.19 -15.26
CA ALA B 295 27.16 12.19 -16.14
C ALA B 295 27.10 13.59 -15.55
N VAL B 296 25.96 13.94 -14.95
CA VAL B 296 25.84 15.23 -14.23
C VAL B 296 26.88 15.34 -13.10
N MET B 297 27.09 14.24 -12.38
CA MET B 297 28.03 14.19 -11.28
C MET B 297 29.49 14.19 -11.73
N GLY B 298 29.72 13.95 -13.02
CA GLY B 298 31.02 14.16 -13.63
C GLY B 298 31.29 15.63 -13.88
N SER B 299 31.37 16.40 -12.80
CA SER B 299 31.28 17.85 -12.85
C SER B 299 32.63 18.52 -12.64
N ALA B 300 32.87 19.56 -13.42
CA ALA B 300 34.00 20.44 -13.20
C ALA B 300 34.00 21.07 -11.80
N GLN B 301 32.85 21.17 -11.17
CA GLN B 301 32.76 21.62 -9.77
C GLN B 301 33.59 20.74 -8.84
N PHE B 302 33.78 19.48 -9.22
CA PHE B 302 34.56 18.52 -8.44
C PHE B 302 35.92 18.24 -9.05
N GLY B 303 36.25 18.93 -10.14
CA GLY B 303 37.46 18.63 -10.91
C GLY B 303 37.37 17.32 -11.66
N ILE B 304 36.15 16.87 -11.94
CA ILE B 304 35.88 15.55 -12.54
C ILE B 304 35.46 15.74 -14.00
N LYS B 305 35.99 14.90 -14.88
CA LYS B 305 35.46 14.74 -16.24
C LYS B 305 35.17 13.27 -16.49
N LEU B 306 34.02 12.97 -17.09
CA LEU B 306 33.64 11.60 -17.44
C LEU B 306 33.27 11.51 -18.90
N SER B 307 33.90 10.58 -19.61
CA SER B 307 33.44 10.23 -20.95
C SER B 307 32.11 9.51 -20.83
N ASP B 308 31.40 9.37 -21.95
CA ASP B 308 30.19 8.58 -21.99
C ASP B 308 30.41 7.15 -21.51
N ASP B 309 31.49 6.52 -21.98
CA ASP B 309 31.83 5.15 -21.59
C ASP B 309 32.09 5.04 -20.09
N GLU B 310 32.76 6.06 -19.54
CA GLU B 310 33.05 6.09 -18.10
C GLU B 310 31.77 6.21 -17.29
N SER B 311 30.87 7.12 -17.69
CA SER B 311 29.58 7.21 -17.02
C SER B 311 28.79 5.91 -17.09
N GLU B 312 28.83 5.28 -18.25
CA GLU B 312 28.15 3.99 -18.41
C GLU B 312 28.71 2.94 -17.45
N ALA B 313 30.03 2.87 -17.33
CA ALA B 313 30.69 1.89 -16.46
C ALA B 313 30.32 2.16 -15.00
N ILE B 314 30.35 3.43 -14.62
CA ILE B 314 29.97 3.80 -13.26
C ILE B 314 28.51 3.43 -13.01
N ALA B 315 27.62 3.75 -13.94
CA ALA B 315 26.21 3.39 -13.77
C ALA B 315 26.04 1.87 -13.59
N ALA B 316 26.80 1.09 -14.36
CA ALA B 316 26.78 -0.38 -14.21
C ALA B 316 27.20 -0.76 -12.79
N PHE B 317 28.31 -0.21 -12.33
CA PHE B 317 28.72 -0.39 -10.94
C PHE B 317 27.61 -0.03 -9.94
N LEU B 318 26.96 1.13 -10.13
CA LEU B 318 25.89 1.52 -9.21
C LEU B 318 24.75 0.50 -9.19
N GLY B 319 24.53 -0.21 -10.30
CA GLY B 319 23.58 -1.31 -10.32
C GLY B 319 23.91 -2.45 -9.35
N SER B 320 25.19 -2.63 -9.01
CA SER B 320 25.59 -3.66 -8.08
C SER B 320 25.20 -3.36 -6.63
N LEU B 321 24.65 -2.16 -6.40
CA LEU B 321 24.30 -1.75 -5.07
C LEU B 321 22.86 -2.08 -4.68
N THR B 322 22.14 -2.79 -5.55
CA THR B 322 20.78 -3.19 -5.27
C THR B 322 20.80 -4.43 -4.39
N GLY B 323 20.29 -4.32 -3.17
CA GLY B 323 20.31 -5.42 -2.23
C GLY B 323 19.03 -6.23 -2.22
N LYS B 324 18.97 -7.18 -1.30
CA LYS B 324 17.79 -7.98 -1.07
C LYS B 324 16.68 -7.10 -0.53
N GLN B 325 15.56 -7.10 -1.22
CA GLN B 325 14.44 -6.26 -0.82
C GLN B 325 13.71 -6.88 0.39
N PRO B 326 13.20 -6.05 1.29
CA PRO B 326 12.65 -6.56 2.53
C PRO B 326 11.39 -7.37 2.33
N LYS B 327 11.23 -8.39 3.17
CA LYS B 327 10.05 -9.22 3.18
C LYS B 327 9.18 -8.71 4.29
N VAL B 328 8.03 -8.14 3.93
CA VAL B 328 7.16 -7.47 4.90
C VAL B 328 5.75 -8.07 4.81
N VAL B 329 5.24 -8.59 5.91
CA VAL B 329 3.85 -9.06 5.94
C VAL B 329 2.98 -7.83 6.10
N TYR B 330 2.06 -7.63 5.18
CA TYR B 330 1.20 -6.43 5.22
C TYR B 330 0.43 -6.41 6.56
N PRO B 331 0.47 -5.28 7.29
CA PRO B 331 -0.16 -5.25 8.60
C PRO B 331 -1.69 -5.21 8.51
N ILE B 332 -2.35 -5.90 9.43
CA ILE B 332 -3.78 -5.77 9.60
C ILE B 332 -3.99 -4.70 10.67
N MET B 333 -4.56 -3.57 10.24
CA MET B 333 -4.65 -2.42 11.10
C MET B 333 -6.04 -2.35 11.73
N PRO B 334 -6.13 -1.85 12.97
CA PRO B 334 -7.37 -1.98 13.70
C PRO B 334 -8.44 -0.99 13.27
N ALA B 335 -9.69 -1.38 13.46
CA ALA B 335 -10.82 -0.53 13.09
C ALA B 335 -10.85 0.77 13.87
N SER B 336 -11.30 1.82 13.20
CA SER B 336 -11.66 3.08 13.85
C SER B 336 -12.88 2.87 14.72
N THR B 337 -13.14 3.84 15.59
CA THR B 337 -14.32 3.84 16.44
C THR B 337 -15.08 5.16 16.26
N ASP B 338 -16.18 5.32 16.96
CA ASP B 338 -16.93 6.57 16.88
C ASP B 338 -16.11 7.80 17.36
N ALA B 339 -15.07 7.57 18.16
CA ALA B 339 -14.20 8.66 18.63
C ALA B 339 -13.15 9.07 17.61
N THR B 340 -12.98 8.26 16.57
CA THR B 340 -11.95 8.54 15.58
C THR B 340 -12.36 9.69 14.68
N PRO B 341 -11.45 10.67 14.49
CA PRO B 341 -11.71 11.76 13.55
C PRO B 341 -12.07 11.24 12.17
N ARG B 342 -12.98 11.95 11.50
CA ARG B 342 -13.38 11.62 10.14
C ARG B 342 -12.32 12.11 9.17
N PRO B 343 -12.26 11.54 7.96
CA PRO B 343 -11.35 12.06 6.95
C PRO B 343 -11.62 13.51 6.67
N ARG B 344 -10.57 14.27 6.40
CA ARG B 344 -10.69 15.65 5.93
C ARG B 344 -10.01 15.75 4.58
N LEU B 345 -10.79 16.02 3.53
CA LEU B 345 -10.28 16.00 2.17
C LEU B 345 -10.04 17.40 1.61
CHA HEM C . -15.71 -1.71 -6.95
CHB HEM C . -11.64 -4.23 -7.46
CHC HEM C . -9.32 -0.04 -8.13
CHD HEM C . -12.95 2.16 -5.90
C1A HEM C . -14.85 -2.77 -7.02
C2A HEM C . -15.19 -4.18 -6.97
C3A HEM C . -14.04 -4.85 -7.09
C4A HEM C . -12.97 -3.90 -7.26
CMA HEM C . -13.85 -6.39 -7.10
CAA HEM C . -16.63 -4.73 -6.78
CBA HEM C . -16.74 -5.56 -5.49
CGA HEM C . -17.64 -6.75 -5.69
O1A HEM C . -18.09 -7.30 -4.65
O2A HEM C . -17.87 -7.18 -6.86
C1B HEM C . -10.69 -3.31 -7.83
C2B HEM C . -9.41 -3.60 -8.41
C3B HEM C . -8.78 -2.44 -8.61
C4B HEM C . -9.63 -1.38 -8.15
CMB HEM C . -8.90 -5.00 -8.77
CAB HEM C . -7.40 -2.21 -9.26
CBB HEM C . -7.30 -2.49 -10.60
C1C HEM C . -10.04 0.91 -7.47
C2C HEM C . -9.57 2.20 -7.06
C3C HEM C . -10.59 2.83 -6.44
C4C HEM C . -11.71 1.91 -6.43
CMC HEM C . -8.16 2.75 -7.31
CAC HEM C . -10.65 4.23 -5.78
CBC HEM C . -10.24 5.37 -6.39
C1D HEM C . -14.06 1.38 -6.13
C2D HEM C . -15.42 1.83 -6.02
C3D HEM C . -16.25 0.66 -6.38
C4D HEM C . -15.35 -0.42 -6.65
CMD HEM C . -15.91 3.25 -5.67
CAD HEM C . -17.78 0.66 -6.46
CBD HEM C . -18.12 0.95 -7.92
CGD HEM C . -19.61 0.99 -8.15
O1D HEM C . -20.14 2.07 -8.53
O2D HEM C . -20.25 -0.06 -7.95
NA HEM C . -13.48 -2.64 -7.18
NB HEM C . -10.81 -1.94 -7.71
NC HEM C . -11.33 0.74 -7.06
ND HEM C . -14.05 0.04 -6.47
FE HEM C . -12.43 -0.95 -7.09
CHA HEM D . -27.60 -2.33 2.64
CHB HEM D . -28.46 -4.65 6.83
CHC HEM D . -32.90 -5.77 5.15
CHD HEM D . -31.43 -4.62 0.65
C1A HEM D . -27.47 -2.82 3.92
C2A HEM D . -26.35 -2.57 4.82
C3A HEM D . -26.59 -3.21 5.96
C4A HEM D . -27.86 -3.88 5.85
CMA HEM D . -25.69 -3.23 7.21
CAA HEM D . -25.11 -1.73 4.47
CBA HEM D . -24.05 -2.68 3.90
CGA HEM D . -22.84 -1.96 3.34
O1A HEM D . -21.84 -2.66 3.08
O2A HEM D . -22.86 -0.72 3.17
C1B HEM D . -29.77 -5.05 6.78
C2B HEM D . -30.60 -5.47 7.89
C3B HEM D . -31.83 -5.77 7.43
C4B HEM D . -31.83 -5.56 6.00
CMB HEM D . -30.06 -5.52 9.34
CAB HEM D . -33.07 -6.21 8.23
CBB HEM D . -33.42 -5.42 9.26
C1C HEM D . -32.86 -5.62 3.77
C2C HEM D . -33.84 -6.09 2.81
C3C HEM D . -33.42 -5.77 1.59
C4C HEM D . -32.16 -5.11 1.71
CMC HEM D . -35.13 -6.83 3.22
CAC HEM D . -34.08 -6.00 0.18
CBC HEM D . -35.36 -5.70 -0.05
C1D HEM D . -30.36 -3.78 0.83
C2D HEM D . -29.88 -2.88 -0.19
C3D HEM D . -28.71 -2.18 0.43
C4D HEM D . -28.57 -2.70 1.77
CMD HEM D . -30.44 -2.71 -1.60
CAD HEM D . -27.87 -1.10 -0.24
CBD HEM D . -28.60 0.24 -0.10
CGD HEM D . -27.76 1.43 -0.49
O1D HEM D . -26.54 1.25 -0.54
O2D HEM D . -28.30 2.55 -0.74
NA HEM D . -28.37 -3.62 4.57
NB HEM D . -30.57 -5.12 5.65
NC HEM D . -31.84 -5.03 3.05
ND HEM D . -29.58 -3.63 1.97
FE HEM D . -30.07 -4.36 3.80
CA CA E . -18.53 0.62 3.15
N1 IMD F . -13.93 0.68 -10.58
C2 IMD F . -13.40 0.76 -9.33
N3 IMD F . -13.02 -0.50 -8.99
C4 IMD F . -13.26 -1.33 -9.99
C5 IMD F . -13.84 -0.58 -10.99
N1 IMD G . -10.69 0.04 9.45
C2 IMD G . -9.41 -0.21 9.79
N3 IMD G . -9.23 -1.54 9.84
C4 IMD G . -10.40 -2.14 9.51
C5 IMD G . -11.33 -1.14 9.29
C1 OXL H . -7.73 -0.01 -15.03
C2 OXL H . -7.14 -1.26 -14.55
O1 OXL H . -8.92 0.01 -15.47
O2 OXL H . -7.85 -2.30 -14.47
O3 OXL H . -7.02 1.04 -15.02
O4 OXL H . -5.93 -1.28 -14.19
C1 OXL I . 13.61 4.92 -15.81
C2 OXL I . 14.90 4.36 -15.41
O1 OXL I . 12.55 4.31 -15.52
O2 OXL I . 14.96 3.23 -14.88
O3 OXL I . 13.59 6.02 -16.43
O4 OXL I . 15.93 5.06 -15.62
O6 BU3 J . -17.18 -4.52 -10.27
C3 BU3 J . -16.42 -3.42 -10.78
C4 BU3 J . -17.25 -2.14 -10.68
C2 BU3 J . -16.01 -3.75 -12.22
O5 BU3 J . -15.16 -2.73 -12.76
C1 BU3 J . -17.24 -3.90 -13.10
CHA HEM K . 11.98 12.09 3.94
CHB HEM K . 10.02 8.51 6.49
CHC HEM K . 5.66 10.06 5.08
CHD HEM K . 7.84 12.18 1.36
C1A HEM K . 11.91 10.95 4.72
C2A HEM K . 12.99 10.14 5.29
C3A HEM K . 12.43 9.14 6.00
C4A HEM K . 10.97 9.28 5.88
CMA HEM K . 13.16 8.04 6.82
CAA HEM K . 14.51 10.47 5.14
CBA HEM K . 15.36 9.30 4.65
CGA HEM K . 16.82 9.50 5.03
O1A HEM K . 17.66 8.87 4.35
O2A HEM K . 17.15 10.24 6.01
C1B HEM K . 8.66 8.75 6.46
C2B HEM K . 7.67 8.22 7.38
C3B HEM K . 6.49 8.67 6.98
C4B HEM K . 6.65 9.48 5.82
CMB HEM K . 8.00 7.31 8.57
CAB HEM K . 5.11 8.43 7.63
CBB HEM K . 4.99 8.86 8.93
C1C HEM K . 5.87 10.64 3.86
C2C HEM K . 4.88 10.91 2.86
C3C HEM K . 5.47 11.50 1.83
C4C HEM K . 6.88 11.61 2.14
CMC HEM K . 3.39 10.56 3.02
CAC HEM K . 4.90 11.97 0.48
CBC HEM K . 3.77 12.73 0.40
C1D HEM K . 9.11 12.47 1.79
C2D HEM K . 9.97 13.45 1.17
C3D HEM K . 11.23 13.43 1.97
C4D HEM K . 11.05 12.47 3.02
CMD HEM K . 9.67 14.28 -0.07
CAD HEM K . 12.44 14.34 1.72
CBD HEM K . 12.24 15.58 2.62
CGD HEM K . 13.38 16.55 2.55
O1D HEM K . 13.17 17.73 2.12
O2D HEM K . 14.50 16.17 2.98
NA HEM K . 10.70 10.40 5.10
NB HEM K . 7.99 9.54 5.53
NC HEM K . 7.09 11.08 3.40
ND HEM K . 9.76 11.92 2.87
FE HEM K . 8.89 10.74 4.21
CHA HEM L . 23.75 13.07 -5.92
CHB HEM L . 26.70 9.90 -8.08
CHC HEM L . 30.48 12.70 -7.02
CHD HEM L . 27.68 15.08 -3.90
C1A HEM L . 24.20 11.98 -6.62
C2A HEM L . 23.37 11.00 -7.26
C3A HEM L . 24.19 10.12 -7.86
C4A HEM L . 25.56 10.56 -7.63
CMA HEM L . 23.79 8.88 -8.68
CAA HEM L . 21.85 10.97 -7.20
CBA HEM L . 21.45 10.19 -5.94
CGA HEM L . 19.95 10.17 -5.67
O1A HEM L . 19.51 9.31 -4.84
O2A HEM L . 19.19 11.03 -6.25
C1B HEM L . 27.96 10.43 -8.07
C2B HEM L . 29.07 9.98 -8.85
C3B HEM L . 30.12 10.77 -8.57
C4B HEM L . 29.69 11.74 -7.58
CMB HEM L . 29.00 8.79 -9.85
CAB HEM L . 31.52 10.75 -9.18
CBB HEM L . 31.54 10.84 -10.54
C1C HEM L . 30.08 13.51 -5.99
C2C HEM L . 30.92 14.32 -5.14
C3C HEM L . 30.13 14.98 -4.27
C4C HEM L . 28.78 14.56 -4.54
CMC HEM L . 32.45 14.40 -5.26
CAC HEM L . 30.49 15.95 -3.12
CBC HEM L . 31.35 16.99 -3.29
C1D HEM L . 26.39 14.86 -4.26
C2D HEM L . 25.30 15.67 -3.84
C3D HEM L . 24.09 15.07 -4.46
C4D HEM L . 24.55 13.92 -5.22
CMD HEM L . 25.36 16.89 -2.91
CAD HEM L . 22.67 15.60 -4.33
CBD HEM L . 22.53 16.73 -5.36
CGD HEM L . 21.09 17.11 -5.59
O1D HEM L . 20.19 16.33 -5.22
O2D HEM L . 20.85 18.24 -6.12
NA HEM L . 25.53 11.70 -6.83
NB HEM L . 28.36 11.51 -7.30
NC HEM L . 28.76 13.68 -5.62
ND HEM L . 25.91 13.87 -5.11
FE HEM L . 27.13 12.68 -6.21
CA CA M . 15.04 9.22 -6.15
N1 IMD N . 8.74 13.59 7.26
C2 IMD N . 8.84 12.29 6.91
N3 IMD N . 8.64 12.24 5.57
C4 IMD N . 8.41 13.47 5.10
C5 IMD N . 8.47 14.33 6.17
N1 IMD O . 10.49 0.66 -9.18
C2 IMD O . 9.68 -0.42 -9.01
N3 IMD O . 10.27 -1.26 -8.15
C4 IMD O . 11.43 -0.72 -7.76
C5 IMD O . 11.58 0.50 -8.42
C1 OXL P . -17.58 3.13 13.26
C2 OXL P . -16.96 4.44 13.05
O1 OXL P . -18.83 3.05 13.20
O2 OXL P . -15.70 4.54 12.94
O3 OXL P . -16.87 2.14 13.52
O4 OXL P . -17.70 5.45 12.96
C1 OXL Q . -4.17 9.24 -3.24
C2 OXL Q . -2.84 9.86 -3.22
O1 OXL Q . -5.10 9.79 -3.89
O2 OXL Q . -1.84 9.13 -3.04
O3 OXL Q . -4.37 8.18 -2.60
O4 OXL Q . -2.70 11.10 -3.37
O6 BU3 R . 8.90 8.52 12.29
C3 BU3 R . 9.63 9.57 11.62
C4 BU3 R . 11.07 9.54 12.14
C2 BU3 R . 9.05 10.97 11.80
O5 BU3 R . 7.71 11.07 11.29
C1 BU3 R . 9.95 11.97 11.08
#